data_3R1X
#
_entry.id   3R1X
#
_cell.length_a   85.509
_cell.length_b   134.026
_cell.length_c   139.906
_cell.angle_alpha   90.00
_cell.angle_beta   90.00
_cell.angle_gamma   90.00
#
_symmetry.space_group_name_H-M   'P 21 21 21'
#
loop_
_entity.id
_entity.type
_entity.pdbx_description
1 polymer '2-oxo-3-deoxygalactonate kinase'
2 non-polymer 'FORMIC ACID'
3 non-polymer GLYCEROL
4 water water
#
_entity_poly.entity_id   1
_entity_poly.type   'polypeptide(L)'
_entity_poly.pdbx_seq_one_letter_code
;SNA(MSE)TARYIAIDWGSTNLRAWLYQGEECLESRQSEAGVTRLNGRSPAAVLAEITQHWRDGATPVV(MSE)AG
(MSE)VGSNVGWKIAPYLPLPAAFSDIGQQLTAVGDNIWIIPGLCVSRDDNHNV(MSE)RGEETQLLGARALAPSSVYV
(MSE)PGTHCKWVLADRRQIHDFRTVLTGELHHLLLQLSLVGAGLPPQETSAAAFAAGLQRGINNPAVLPQLFEVRASHV
LGALPREQVSEFLSGLLIGAEVATLSDTFAGQQAISLVAGSSLTSRYQQAFAAIGREVSAVAGDTAFQTGIRSIAYAVAN
;
_entity_poly.pdbx_strand_id   A,B,C,D
#
# COMPACT_ATOMS: atom_id res chain seq x y z
N SER A 1 -7.67 11.47 49.01
CA SER A 1 -9.04 11.01 48.67
C SER A 1 -9.00 9.68 47.87
N ASN A 2 -10.17 9.05 47.68
CA ASN A 2 -10.23 7.64 47.22
C ASN A 2 -10.42 7.55 45.71
N ALA A 3 -9.37 7.16 44.99
CA ALA A 3 -9.42 7.12 43.54
C ALA A 3 -10.42 6.07 43.01
N THR A 5 -13.38 5.58 43.83
CA THR A 5 -14.71 6.17 43.65
C THR A 5 -14.72 7.14 42.48
N ALA A 6 -13.59 7.34 41.81
CA ALA A 6 -13.50 8.30 40.70
C ALA A 6 -13.98 7.64 39.41
N ARG A 7 -14.76 8.39 38.64
N ARG A 7 -14.76 8.38 38.62
CA ARG A 7 -15.15 7.95 37.31
CA ARG A 7 -15.17 7.88 37.32
C ARG A 7 -13.97 8.26 36.41
C ARG A 7 -14.10 8.32 36.34
N TYR A 8 -13.77 7.44 35.39
CA TYR A 8 -12.84 7.78 34.29
C TYR A 8 -13.32 7.12 33.00
N ILE A 9 -12.84 7.62 31.87
CA ILE A 9 -13.19 7.06 30.57
C ILE A 9 -11.91 6.52 29.93
N ALA A 10 -11.95 5.26 29.54
CA ALA A 10 -10.82 4.59 28.88
C ALA A 10 -11.17 4.53 27.41
N ILE A 11 -10.21 4.88 26.55
CA ILE A 11 -10.38 4.81 25.09
C ILE A 11 -9.23 4.03 24.50
N ASP A 12 -9.54 3.08 23.59
CA ASP A 12 -8.54 2.44 22.75
C ASP A 12 -8.91 2.82 21.32
N TRP A 13 -8.13 3.74 20.73
CA TRP A 13 -8.50 4.31 19.45
C TRP A 13 -7.51 3.89 18.36
N GLY A 14 -7.86 2.87 17.60
CA GLY A 14 -6.96 2.34 16.56
C GLY A 14 -7.16 3.00 15.19
N SER A 15 -6.45 2.52 14.20
CA SER A 15 -6.60 3.03 12.83
C SER A 15 -7.98 2.72 12.28
N THR A 16 -8.61 1.62 12.70
CA THR A 16 -9.91 1.17 12.09
C THR A 16 -11.02 0.77 13.06
N ASN A 17 -10.82 0.92 14.37
CA ASN A 17 -11.83 0.59 15.40
C ASN A 17 -11.63 1.59 16.55
N LEU A 18 -12.71 1.91 17.23
CA LEU A 18 -12.68 2.76 18.41
C LEU A 18 -13.49 2.04 19.47
N ARG A 19 -12.90 1.86 20.65
CA ARG A 19 -13.60 1.31 21.82
C ARG A 19 -13.49 2.26 22.99
N ALA A 20 -14.59 2.41 23.73
CA ALA A 20 -14.67 3.35 24.84
C ALA A 20 -15.34 2.60 26.00
N TRP A 21 -14.87 2.88 27.22
CA TRP A 21 -15.43 2.31 28.43
C TRP A 21 -15.53 3.41 29.48
N LEU A 22 -16.69 3.46 30.17
CA LEU A 22 -16.86 4.31 31.37
C LEU A 22 -16.69 3.43 32.58
N TYR A 23 -15.73 3.77 33.43
CA TYR A 23 -15.43 3.05 34.64
C TYR A 23 -15.57 3.89 35.89
N GLN A 24 -15.84 3.20 37.00
CA GLN A 24 -15.72 3.77 38.31
C GLN A 24 -15.01 2.74 39.12
N GLY A 25 -13.75 3.00 39.43
CA GLY A 25 -12.88 2.01 40.03
C GLY A 25 -12.69 0.81 39.12
N GLU A 26 -13.00 -0.39 39.61
CA GLU A 26 -12.91 -1.59 38.81
C GLU A 26 -14.24 -1.94 38.13
N GLU A 27 -15.24 -1.08 38.26
CA GLU A 27 -16.59 -1.34 37.74
C GLU A 27 -16.72 -0.70 36.38
N CYS A 28 -17.02 -1.52 35.37
CA CYS A 28 -17.24 -0.99 34.01
C CYS A 28 -18.74 -0.63 33.95
N LEU A 29 -19.05 0.65 34.01
CA LEU A 29 -20.42 1.15 34.02
C LEU A 29 -21.09 1.03 32.63
N GLU A 30 -20.35 1.33 31.57
CA GLU A 30 -20.84 1.17 30.21
C GLU A 30 -19.70 1.01 29.23
N SER A 31 -19.95 0.32 28.13
CA SER A 31 -18.99 0.28 27.04
C SER A 31 -19.63 0.56 25.67
N ARG A 32 -18.86 1.19 24.76
CA ARG A 32 -19.31 1.53 23.41
C ARG A 32 -18.20 1.29 22.38
N GLN A 33 -18.59 1.05 21.13
CA GLN A 33 -17.63 0.80 20.04
C GLN A 33 -18.12 1.51 18.81
N SER A 34 -17.18 1.82 17.91
CA SER A 34 -17.49 2.54 16.67
C SER A 34 -16.46 2.10 15.63
N GLU A 35 -16.86 2.11 14.37
CA GLU A 35 -15.98 1.78 13.28
C GLU A 35 -15.15 3.00 12.89
N ALA A 36 -15.34 4.13 13.59
CA ALA A 36 -14.62 5.39 13.35
C ALA A 36 -13.19 5.42 13.92
N GLY A 37 -12.33 4.49 13.48
CA GLY A 37 -10.89 4.55 13.76
C GLY A 37 -10.32 5.83 13.15
N VAL A 38 -9.07 6.17 13.48
CA VAL A 38 -8.51 7.47 13.02
C VAL A 38 -8.28 7.60 11.50
N THR A 39 -8.16 6.49 10.77
CA THR A 39 -8.04 6.56 9.30
C THR A 39 -9.38 6.31 8.58
N ARG A 40 -10.46 6.16 9.37
N ARG A 40 -10.45 6.14 9.35
CA ARG A 40 -11.80 5.82 8.91
CA ARG A 40 -11.79 5.88 8.82
C ARG A 40 -12.83 6.82 9.47
C ARG A 40 -12.80 6.80 9.50
N LEU A 41 -12.42 8.06 9.68
CA LEU A 41 -13.30 9.02 10.35
C LEU A 41 -14.37 9.55 9.41
N ASN A 42 -14.23 9.24 8.12
CA ASN A 42 -15.17 9.68 7.09
C ASN A 42 -15.39 11.18 7.07
N GLY A 43 -14.31 11.94 7.26
CA GLY A 43 -14.43 13.39 7.22
C GLY A 43 -14.80 14.13 8.50
N ARG A 44 -15.06 13.41 9.59
N ARG A 44 -15.05 13.42 9.59
CA ARG A 44 -15.33 14.05 10.88
CA ARG A 44 -15.37 14.05 10.88
C ARG A 44 -14.01 14.33 11.61
C ARG A 44 -14.11 14.23 11.74
N SER A 45 -14.00 15.35 12.46
CA SER A 45 -12.85 15.57 13.32
C SER A 45 -12.82 14.51 14.45
N PRO A 46 -11.63 14.15 14.94
CA PRO A 46 -11.53 13.34 16.12
C PRO A 46 -12.31 13.90 17.31
N ALA A 47 -12.29 15.23 17.48
CA ALA A 47 -12.99 15.83 18.64
C ALA A 47 -14.52 15.53 18.57
N ALA A 48 -15.08 15.57 17.37
CA ALA A 48 -16.51 15.33 17.20
C ALA A 48 -16.82 13.86 17.50
N VAL A 49 -15.97 12.97 17.00
CA VAL A 49 -16.15 11.53 17.20
C VAL A 49 -16.05 11.18 18.67
N LEU A 50 -15.07 11.74 19.38
CA LEU A 50 -14.99 11.46 20.81
C LEU A 50 -16.23 11.96 21.55
N ALA A 51 -16.67 13.18 21.29
CA ALA A 51 -17.90 13.69 21.93
C ALA A 51 -19.12 12.82 21.67
N GLU A 52 -19.22 12.24 20.49
CA GLU A 52 -20.37 11.39 20.20
C GLU A 52 -20.32 10.13 21.03
N ILE A 53 -19.17 9.46 21.07
CA ILE A 53 -19.06 8.19 21.77
C ILE A 53 -19.06 8.34 23.30
N THR A 54 -18.73 9.52 23.83
CA THR A 54 -18.79 9.75 25.27
C THR A 54 -20.02 10.55 25.71
N GLN A 55 -21.02 10.71 24.84
CA GLN A 55 -22.24 11.42 25.16
C GLN A 55 -22.94 10.86 26.39
N HIS A 56 -23.32 11.75 27.31
CA HIS A 56 -24.01 11.43 28.60
C HIS A 56 -23.07 10.90 29.68
N TRP A 57 -21.79 10.71 29.33
CA TRP A 57 -20.77 10.22 30.28
C TRP A 57 -19.95 11.35 30.93
N ARG A 58 -19.83 12.48 30.23
N ARG A 58 -19.87 12.48 30.25
CA ARG A 58 -18.94 13.58 30.63
CA ARG A 58 -18.97 13.56 30.69
C ARG A 58 -19.62 14.50 31.64
C ARG A 58 -19.63 14.52 31.65
N ASP A 59 -18.83 15.08 32.55
CA ASP A 59 -19.37 15.93 33.61
C ASP A 59 -18.39 16.92 34.28
N GLY A 60 -17.28 17.25 33.60
CA GLY A 60 -16.22 18.13 34.16
C GLY A 60 -15.10 17.41 34.90
N ALA A 61 -15.48 16.71 35.97
CA ALA A 61 -14.55 15.98 36.82
C ALA A 61 -13.96 14.69 36.20
N THR A 62 -14.53 14.19 35.09
CA THR A 62 -14.22 12.82 34.59
C THR A 62 -13.17 12.81 33.49
N PRO A 63 -11.95 12.32 33.78
CA PRO A 63 -10.91 12.38 32.76
C PRO A 63 -11.11 11.35 31.64
N VAL A 64 -10.65 11.70 30.44
CA VAL A 64 -10.63 10.78 29.33
C VAL A 64 -9.15 10.43 29.07
N VAL A 65 -8.82 9.14 29.13
CA VAL A 65 -7.47 8.64 28.94
C VAL A 65 -7.48 7.75 27.70
N ALA A 67 -5.50 5.62 24.48
CA ALA A 67 -4.35 4.86 23.97
C ALA A 67 -4.47 4.68 22.48
N GLY A 68 -3.33 4.58 21.78
CA GLY A 68 -3.26 4.05 20.44
C GLY A 68 -3.02 5.11 19.38
N VAL A 70 -4.64 7.33 18.03
CA VAL A 70 -5.10 8.66 18.27
C VAL A 70 -3.92 9.63 18.57
N GLY A 71 -2.81 9.12 19.10
CA GLY A 71 -1.59 9.93 19.31
C GLY A 71 -0.50 9.82 18.24
N SER A 72 -0.83 9.23 17.09
CA SER A 72 0.10 9.14 15.96
C SER A 72 -0.03 10.38 15.06
N ASN A 73 0.76 10.45 14.02
CA ASN A 73 0.65 11.56 13.06
C ASN A 73 -0.59 11.48 12.16
N VAL A 74 -1.35 10.37 12.21
CA VAL A 74 -2.63 10.32 11.50
C VAL A 74 -3.77 10.31 12.53
N GLY A 75 -3.51 10.79 13.73
CA GLY A 75 -4.52 10.82 14.79
C GLY A 75 -5.02 12.22 15.07
N TRP A 76 -5.33 12.47 16.35
CA TRP A 76 -5.87 13.74 16.78
C TRP A 76 -4.73 14.71 16.96
N LYS A 77 -3.79 14.34 17.83
CA LYS A 77 -2.61 15.14 18.13
C LYS A 77 -1.43 14.22 18.42
N ILE A 78 -0.25 14.54 17.91
CA ILE A 78 0.91 13.68 18.15
C ILE A 78 1.24 13.63 19.65
N ALA A 79 1.34 12.44 20.22
CA ALA A 79 1.84 12.27 21.60
C ALA A 79 3.26 11.72 21.41
N PRO A 80 4.31 12.56 21.53
CA PRO A 80 5.64 12.04 21.10
C PRO A 80 6.12 10.81 21.86
N TYR A 81 6.78 9.88 21.17
CA TYR A 81 7.32 8.68 21.82
C TYR A 81 8.24 9.02 22.97
N LEU A 82 8.18 8.25 24.06
CA LEU A 82 9.18 8.33 25.13
C LEU A 82 10.36 7.43 24.81
N PRO A 83 11.57 8.00 24.72
CA PRO A 83 12.71 7.15 24.42
C PRO A 83 13.10 6.30 25.64
N LEU A 84 13.52 5.07 25.34
CA LEU A 84 13.94 4.12 26.34
C LEU A 84 15.43 4.25 26.57
N PRO A 85 15.89 3.86 27.77
CA PRO A 85 15.08 3.37 28.89
C PRO A 85 14.24 4.47 29.56
N ALA A 86 13.05 4.10 30.05
CA ALA A 86 12.12 5.00 30.69
C ALA A 86 11.52 4.23 31.85
N ALA A 87 11.14 4.94 32.92
CA ALA A 87 10.45 4.33 34.04
C ALA A 87 9.00 4.03 33.63
N PHE A 88 8.43 2.94 34.15
CA PHE A 88 7.02 2.69 33.96
C PHE A 88 6.24 3.92 34.37
N SER A 89 6.63 4.52 35.48
CA SER A 89 5.94 5.68 36.01
C SER A 89 6.06 6.92 35.11
N ASP A 90 6.97 6.96 34.14
CA ASP A 90 7.05 8.14 33.24
C ASP A 90 5.80 8.22 32.33
N ILE A 91 5.19 7.10 32.00
CA ILE A 91 4.14 7.10 30.96
C ILE A 91 2.98 7.99 31.39
N GLY A 92 2.49 7.71 32.60
CA GLY A 92 1.38 8.45 33.17
C GLY A 92 1.71 9.88 33.57
N GLN A 93 3.01 10.21 33.72
CA GLN A 93 3.42 11.60 34.00
C GLN A 93 3.70 12.43 32.74
N GLN A 94 3.66 11.81 31.56
CA GLN A 94 3.99 12.45 30.28
C GLN A 94 2.83 12.37 29.27
N LEU A 95 1.62 12.59 29.74
CA LEU A 95 0.47 12.46 28.87
C LEU A 95 0.38 13.69 27.99
N THR A 96 -0.16 13.55 26.77
CA THR A 96 -0.37 14.73 25.94
C THR A 96 -1.80 15.24 26.19
N ALA A 97 -1.94 16.52 26.51
CA ALA A 97 -3.24 17.14 26.79
C ALA A 97 -3.89 17.54 25.49
N VAL A 98 -5.15 17.13 25.25
CA VAL A 98 -5.89 17.64 24.09
C VAL A 98 -7.03 18.56 24.46
N GLY A 99 -7.12 18.94 25.74
CA GLY A 99 -8.05 19.97 26.21
C GLY A 99 -9.03 19.31 27.13
N ASP A 100 -9.64 20.07 28.04
CA ASP A 100 -10.84 19.65 28.74
C ASP A 100 -10.65 18.31 29.48
N ASN A 101 -9.50 18.13 30.13
CA ASN A 101 -9.21 16.88 30.84
C ASN A 101 -9.28 15.64 29.90
N ILE A 102 -8.83 15.79 28.67
CA ILE A 102 -8.70 14.65 27.72
C ILE A 102 -7.23 14.47 27.43
N TRP A 103 -6.75 13.24 27.60
CA TRP A 103 -5.34 12.95 27.57
C TRP A 103 -4.99 11.78 26.64
N ILE A 104 -3.84 11.87 25.99
CA ILE A 104 -3.34 10.79 25.12
C ILE A 104 -2.05 10.21 25.69
N ILE A 105 -2.03 8.88 25.76
CA ILE A 105 -0.92 8.15 26.31
C ILE A 105 0.14 8.03 25.20
N PRO A 106 1.40 8.42 25.47
CA PRO A 106 2.44 8.31 24.45
C PRO A 106 2.92 6.88 24.23
N GLY A 107 3.41 6.58 23.04
CA GLY A 107 4.08 5.31 22.85
C GLY A 107 5.53 5.34 23.33
N LEU A 108 6.29 4.32 22.97
CA LEU A 108 7.70 4.20 23.38
C LEU A 108 8.56 3.99 22.17
N CYS A 109 9.80 4.42 22.23
CA CYS A 109 10.74 4.20 21.12
C CYS A 109 12.13 3.84 21.60
N VAL A 110 12.89 3.30 20.68
CA VAL A 110 14.31 2.97 20.87
C VAL A 110 14.98 3.43 19.61
N SER A 111 16.09 4.13 19.75
CA SER A 111 16.81 4.60 18.60
C SER A 111 18.30 4.52 18.88
N ARG A 112 18.94 3.46 18.41
CA ARG A 112 20.39 3.34 18.48
C ARG A 112 20.85 2.61 17.21
N ASP A 113 22.15 2.49 16.99
CA ASP A 113 22.67 1.93 15.73
C ASP A 113 22.08 0.58 15.38
N ASP A 114 21.95 -0.31 16.37
CA ASP A 114 21.44 -1.65 16.14
C ASP A 114 19.97 -1.89 16.48
N ASN A 115 19.21 -0.84 16.77
CA ASN A 115 17.78 -1.02 17.08
C ASN A 115 17.02 0.28 16.85
N HIS A 116 16.09 0.27 15.90
CA HIS A 116 15.10 1.32 15.77
C HIS A 116 13.75 0.66 15.93
N ASN A 117 12.98 1.14 16.90
CA ASN A 117 11.74 0.53 17.22
C ASN A 117 10.77 1.51 17.82
N VAL A 118 9.48 1.29 17.56
CA VAL A 118 8.39 2.08 18.08
C VAL A 118 7.25 1.15 18.47
N ARG A 120 2.95 1.89 19.92
CA ARG A 120 1.95 2.83 20.28
C ARG A 120 0.63 2.13 20.59
N GLY A 121 0.37 1.99 21.88
CA GLY A 121 -0.79 1.27 22.39
C GLY A 121 -0.37 0.14 23.32
N GLU A 122 0.66 -0.59 22.93
CA GLU A 122 1.10 -1.73 23.71
C GLU A 122 1.75 -1.33 25.05
N GLU A 123 2.24 -0.10 25.17
CA GLU A 123 2.75 0.38 26.46
C GLU A 123 1.68 0.36 27.53
N THR A 124 0.42 0.52 27.15
CA THR A 124 -0.66 0.55 28.13
C THR A 124 -0.93 -0.87 28.66
N GLN A 125 -0.88 -1.88 27.78
CA GLN A 125 -1.03 -3.27 28.21
C GLN A 125 0.22 -3.68 29.01
N LEU A 126 1.38 -3.20 28.60
CA LEU A 126 2.63 -3.43 29.36
C LEU A 126 2.49 -3.00 30.82
N LEU A 127 1.97 -1.79 31.02
CA LEU A 127 1.76 -1.26 32.36
C LEU A 127 0.85 -2.18 33.15
N GLY A 128 -0.18 -2.72 32.48
CA GLY A 128 -1.06 -3.66 33.13
C GLY A 128 -0.35 -4.97 33.48
N ALA A 129 0.42 -5.54 32.53
CA ALA A 129 1.14 -6.77 32.76
C ALA A 129 2.14 -6.61 33.89
N ARG A 130 2.75 -5.45 34.00
CA ARG A 130 3.66 -5.15 35.13
C ARG A 130 3.03 -5.25 36.51
N ALA A 131 1.74 -4.93 36.62
CA ALA A 131 1.00 -5.10 37.83
C ALA A 131 0.51 -6.56 38.02
N LEU A 132 0.07 -7.19 36.94
CA LEU A 132 -0.64 -8.45 37.02
C LEU A 132 0.26 -9.69 36.87
N ALA A 133 1.36 -9.57 36.12
CA ALA A 133 2.29 -10.71 35.92
C ALA A 133 3.70 -10.17 35.66
N PRO A 134 4.29 -9.49 36.64
CA PRO A 134 5.62 -8.94 36.43
C PRO A 134 6.66 -9.96 35.99
N SER A 135 7.56 -9.51 35.13
CA SER A 135 8.67 -10.31 34.69
C SER A 135 9.74 -9.39 34.15
N SER A 136 10.90 -9.95 33.86
CA SER A 136 11.98 -9.25 33.19
C SER A 136 11.68 -9.24 31.71
N VAL A 137 10.82 -10.16 31.25
CA VAL A 137 10.54 -10.27 29.83
C VAL A 137 9.03 -10.38 29.58
N TYR A 138 8.50 -9.51 28.72
CA TYR A 138 7.11 -9.55 28.30
C TYR A 138 7.08 -9.84 26.80
N VAL A 139 6.24 -10.77 26.39
CA VAL A 139 6.01 -11.00 24.98
C VAL A 139 4.55 -10.79 24.70
N PRO A 141 2.12 -10.83 21.70
CA PRO A 141 1.94 -11.20 20.29
C PRO A 141 0.69 -10.65 19.64
N GLY A 142 0.70 -10.58 18.33
CA GLY A 142 -0.43 -10.12 17.53
C GLY A 142 0.03 -9.94 16.10
N THR A 143 -0.53 -8.96 15.41
CA THR A 143 -0.14 -8.62 14.07
C THR A 143 1.30 -8.24 14.07
N HIS A 144 1.69 -7.43 15.07
CA HIS A 144 3.07 -7.16 15.34
C HIS A 144 3.31 -7.64 16.76
N CYS A 145 4.35 -8.40 17.00
CA CYS A 145 4.60 -8.92 18.34
CA CYS A 145 4.62 -8.91 18.33
C CYS A 145 5.68 -8.07 18.96
N LYS A 146 5.45 -7.62 20.19
CA LYS A 146 6.45 -6.86 20.95
C LYS A 146 7.12 -7.76 21.97
N TRP A 147 8.44 -7.76 21.98
CA TRP A 147 9.22 -8.40 23.02
C TRP A 147 9.92 -7.29 23.81
N VAL A 148 9.74 -7.28 25.11
CA VAL A 148 10.14 -6.16 25.94
C VAL A 148 11.02 -6.65 27.08
N LEU A 149 12.13 -5.95 27.29
CA LEU A 149 12.98 -6.20 28.44
C LEU A 149 12.77 -5.09 29.48
N ALA A 150 12.56 -5.48 30.73
CA ALA A 150 12.30 -4.50 31.78
C ALA A 150 12.79 -5.05 33.12
N ASP A 151 12.94 -4.18 34.12
CA ASP A 151 13.15 -4.62 35.50
C ASP A 151 11.93 -4.12 36.30
N ARG A 152 12.01 -3.99 37.62
N ARG A 152 12.08 -3.95 37.62
CA ARG A 152 10.82 -3.59 38.35
CA ARG A 152 10.97 -3.52 38.47
C ARG A 152 10.47 -2.09 38.16
C ARG A 152 10.53 -2.09 38.13
N ARG A 153 11.45 -1.28 37.75
N ARG A 153 11.47 -1.25 37.74
CA ARG A 153 11.21 0.16 37.60
CA ARG A 153 11.14 0.16 37.58
C ARG A 153 11.24 0.70 36.18
C ARG A 153 11.26 0.73 36.17
N GLN A 154 12.12 0.16 35.32
CA GLN A 154 12.34 0.70 33.99
C GLN A 154 12.08 -0.32 32.90
N ILE A 155 11.66 0.20 31.74
CA ILE A 155 11.53 -0.51 30.52
C ILE A 155 12.83 -0.21 29.80
N HIS A 156 13.60 -1.23 29.44
CA HIS A 156 14.95 -1.05 28.88
C HIS A 156 15.03 -1.12 27.38
N ASP A 157 14.32 -2.05 26.76
CA ASP A 157 14.49 -2.29 25.35
C ASP A 157 13.32 -3.12 24.81
N PHE A 158 13.14 -3.09 23.50
CA PHE A 158 12.20 -3.99 22.88
C PHE A 158 12.51 -4.23 21.42
N ARG A 159 11.95 -5.31 20.91
CA ARG A 159 12.00 -5.66 19.50
C ARG A 159 10.59 -5.95 19.02
N THR A 160 10.39 -5.87 17.70
CA THR A 160 9.06 -6.09 17.09
C THR A 160 9.23 -7.16 15.99
N VAL A 161 8.37 -8.17 15.98
CA VAL A 161 8.34 -9.16 14.91
C VAL A 161 6.94 -9.11 14.25
N LEU A 162 6.93 -8.97 12.94
CA LEU A 162 5.71 -8.91 12.12
C LEU A 162 5.03 -10.26 11.91
N THR A 163 4.85 -11.07 12.93
CA THR A 163 4.37 -12.45 12.73
C THR A 163 2.98 -12.57 12.13
N GLY A 164 2.00 -11.93 12.74
CA GLY A 164 0.63 -11.92 12.22
C GLY A 164 0.49 -11.25 10.85
N GLU A 165 1.18 -10.14 10.68
CA GLU A 165 1.18 -9.47 9.40
C GLU A 165 1.81 -10.35 8.29
N LEU A 166 2.95 -10.96 8.57
CA LEU A 166 3.61 -11.79 7.59
C LEU A 166 2.79 -13.03 7.24
N HIS A 167 2.08 -13.59 8.22
CA HIS A 167 1.20 -14.70 7.95
C HIS A 167 0.09 -14.31 6.94
N HIS A 168 -0.57 -13.20 7.22
CA HIS A 168 -1.51 -12.60 6.30
C HIS A 168 -0.90 -12.35 4.91
N LEU A 169 0.25 -11.69 4.86
CA LEU A 169 0.86 -11.39 3.57
C LEU A 169 1.12 -12.65 2.78
N LEU A 170 1.75 -13.64 3.41
CA LEU A 170 2.13 -14.86 2.72
C LEU A 170 0.91 -15.70 2.32
N LEU A 171 -0.04 -15.89 3.23
CA LEU A 171 -1.19 -16.74 2.92
C LEU A 171 -2.14 -16.08 1.92
N GLN A 172 -2.45 -14.81 2.11
CA GLN A 172 -3.57 -14.18 1.42
C GLN A 172 -3.14 -13.26 0.28
N LEU A 173 -1.92 -12.72 0.30
CA LEU A 173 -1.49 -11.83 -0.80
C LEU A 173 -0.33 -12.35 -1.65
N SER A 174 0.28 -13.46 -1.28
CA SER A 174 1.45 -13.93 -1.99
C SER A 174 1.18 -15.26 -2.67
N LEU A 175 2.12 -15.61 -3.51
CA LEU A 175 2.05 -16.86 -4.22
C LEU A 175 2.05 -18.07 -3.29
N VAL A 176 2.57 -17.93 -2.08
CA VAL A 176 2.61 -19.08 -1.17
C VAL A 176 1.21 -19.68 -0.96
N GLY A 177 0.21 -18.81 -0.81
CA GLY A 177 -1.12 -19.28 -0.51
C GLY A 177 -2.11 -19.21 -1.66
N ALA A 178 -1.64 -18.89 -2.89
CA ALA A 178 -2.53 -18.61 -4.04
C ALA A 178 -3.27 -19.86 -4.43
N GLY A 179 -4.57 -19.72 -4.65
CA GLY A 179 -5.41 -20.84 -5.11
C GLY A 179 -5.84 -21.86 -4.05
N LEU A 180 -5.50 -21.67 -2.79
CA LEU A 180 -5.82 -22.67 -1.77
C LEU A 180 -7.33 -22.75 -1.49
N PRO A 181 -7.80 -23.87 -0.95
CA PRO A 181 -9.21 -23.96 -0.59
C PRO A 181 -9.43 -23.39 0.80
N PRO A 182 -10.68 -23.36 1.28
CA PRO A 182 -10.92 -22.90 2.62
C PRO A 182 -10.01 -23.62 3.66
N GLN A 183 -9.53 -22.92 4.66
CA GLN A 183 -8.52 -23.46 5.55
C GLN A 183 -9.18 -24.02 6.80
N GLU A 184 -8.60 -25.08 7.34
CA GLU A 184 -9.14 -25.85 8.46
C GLU A 184 -8.18 -25.83 9.59
N THR A 185 -8.69 -26.00 10.80
CA THR A 185 -7.89 -26.21 12.01
C THR A 185 -7.10 -27.53 11.87
N SER A 186 -5.83 -27.52 12.26
CA SER A 186 -5.00 -28.72 12.30
C SER A 186 -3.91 -28.58 13.35
N ALA A 187 -4.13 -29.23 14.50
CA ALA A 187 -3.12 -29.28 15.54
C ALA A 187 -1.81 -29.88 15.03
N ALA A 188 -1.90 -30.91 14.19
CA ALA A 188 -0.70 -31.59 13.66
C ALA A 188 0.10 -30.70 12.72
N ALA A 189 -0.57 -29.93 11.84
CA ALA A 189 0.16 -29.06 10.90
C ALA A 189 0.82 -27.94 11.65
N PHE A 190 0.16 -27.41 12.68
CA PHE A 190 0.73 -26.34 13.48
C PHE A 190 1.98 -26.78 14.23
N ALA A 191 1.87 -27.94 14.88
CA ALA A 191 3.00 -28.57 15.56
C ALA A 191 4.18 -28.83 14.61
N ALA A 192 3.88 -29.26 13.38
CA ALA A 192 4.94 -29.54 12.42
C ALA A 192 5.61 -28.24 11.94
N GLY A 193 4.79 -27.21 11.72
CA GLY A 193 5.36 -25.89 11.38
C GLY A 193 6.26 -25.35 12.46
N LEU A 194 5.77 -25.45 13.71
CA LEU A 194 6.54 -25.02 14.89
C LEU A 194 7.94 -25.66 14.91
N GLN A 195 8.00 -26.96 14.76
CA GLN A 195 9.29 -27.66 14.71
C GLN A 195 10.18 -27.16 13.59
N ARG A 196 9.62 -26.98 12.41
CA ARG A 196 10.39 -26.41 11.31
C ARG A 196 10.91 -24.99 11.59
N GLY A 197 10.08 -24.12 12.18
CA GLY A 197 10.53 -22.73 12.46
C GLY A 197 11.55 -22.61 13.58
N ILE A 198 11.34 -23.37 14.65
CA ILE A 198 12.29 -23.48 15.72
C ILE A 198 13.65 -23.94 15.22
N ASN A 199 13.70 -24.81 14.22
CA ASN A 199 14.97 -25.26 13.69
C ASN A 199 15.53 -24.37 12.57
N ASN A 200 14.74 -23.38 12.15
CA ASN A 200 15.13 -22.48 11.07
C ASN A 200 14.82 -21.00 11.34
N PRO A 201 15.40 -20.43 12.42
CA PRO A 201 15.18 -18.99 12.60
C PRO A 201 15.60 -18.18 11.39
N ALA A 202 16.63 -18.64 10.68
CA ALA A 202 17.03 -18.06 9.40
C ALA A 202 16.05 -18.62 8.39
N VAL A 203 14.81 -18.14 8.48
CA VAL A 203 13.62 -18.79 7.93
C VAL A 203 13.36 -18.51 6.46
N LEU A 204 14.08 -17.57 5.85
CA LEU A 204 13.69 -17.12 4.50
C LEU A 204 13.50 -18.23 3.42
N PRO A 205 14.42 -19.22 3.32
CA PRO A 205 14.22 -20.32 2.34
C PRO A 205 12.99 -21.18 2.59
N GLN A 206 12.57 -21.26 3.86
CA GLN A 206 11.41 -22.08 4.25
C GLN A 206 10.08 -21.57 3.76
N LEU A 207 9.99 -20.27 3.46
CA LEU A 207 8.71 -19.67 3.10
C LEU A 207 8.18 -20.29 1.81
N PHE A 208 9.00 -20.35 0.78
CA PHE A 208 8.55 -20.96 -0.50
C PHE A 208 8.26 -22.43 -0.31
N GLU A 209 8.97 -23.10 0.57
CA GLU A 209 8.79 -24.54 0.74
C GLU A 209 7.38 -24.90 1.26
N VAL A 210 6.71 -23.95 1.90
CA VAL A 210 5.33 -24.14 2.26
C VAL A 210 4.50 -24.37 1.00
N ARG A 211 4.73 -23.59 -0.05
CA ARG A 211 4.00 -23.80 -1.29
CA ARG A 211 4.02 -23.77 -1.32
C ARG A 211 4.40 -25.11 -1.97
N ALA A 212 5.69 -25.33 -2.10
CA ALA A 212 6.19 -26.55 -2.78
C ALA A 212 5.65 -27.80 -2.05
N SER A 213 5.56 -27.75 -0.71
CA SER A 213 5.05 -28.88 0.06
C SER A 213 3.61 -29.19 -0.28
N HIS A 214 2.76 -28.16 -0.40
CA HIS A 214 1.39 -28.45 -0.83
C HIS A 214 1.26 -28.83 -2.32
N VAL A 215 2.08 -28.22 -3.18
CA VAL A 215 2.12 -28.65 -4.59
C VAL A 215 2.54 -30.13 -4.74
N LEU A 216 3.54 -30.59 -3.96
CA LEU A 216 4.06 -31.94 -4.10
C LEU A 216 3.31 -32.96 -3.26
N GLY A 217 2.32 -32.49 -2.47
CA GLY A 217 1.43 -33.37 -1.72
C GLY A 217 1.90 -33.76 -0.34
N ALA A 218 2.92 -33.12 0.17
CA ALA A 218 3.43 -33.41 1.50
C ALA A 218 2.70 -32.61 2.59
N LEU A 219 1.96 -31.55 2.21
CA LEU A 219 1.17 -30.73 3.16
C LEU A 219 -0.24 -30.57 2.60
N PRO A 220 -1.25 -31.08 3.31
CA PRO A 220 -2.56 -30.94 2.72
C PRO A 220 -2.91 -29.46 2.47
N ARG A 221 -3.60 -29.19 1.37
CA ARG A 221 -3.94 -27.82 0.94
C ARG A 221 -4.75 -27.03 1.97
N GLU A 222 -5.52 -27.73 2.80
CA GLU A 222 -6.39 -27.14 3.79
C GLU A 222 -5.66 -26.82 5.08
N GLN A 223 -4.39 -27.26 5.17
CA GLN A 223 -3.62 -27.14 6.41
C GLN A 223 -2.42 -26.17 6.31
N VAL A 224 -2.35 -25.45 5.19
CA VAL A 224 -1.29 -24.51 4.91
C VAL A 224 -1.25 -23.36 5.93
N SER A 225 -2.40 -22.77 6.25
CA SER A 225 -2.43 -21.66 7.19
C SER A 225 -1.84 -22.02 8.55
N GLU A 226 -2.20 -23.21 9.03
CA GLU A 226 -1.75 -23.73 10.32
C GLU A 226 -0.26 -24.04 10.31
N PHE A 227 0.21 -24.66 9.24
CA PHE A 227 1.63 -24.90 9.10
C PHE A 227 2.39 -23.57 9.05
N LEU A 228 1.94 -22.64 8.23
CA LEU A 228 2.61 -21.33 8.13
C LEU A 228 2.66 -20.60 9.47
N SER A 229 1.55 -20.66 10.23
CA SER A 229 1.53 -20.03 11.52
C SER A 229 2.59 -20.61 12.44
N GLY A 230 2.71 -21.94 12.45
CA GLY A 230 3.71 -22.60 13.31
C GLY A 230 5.13 -22.26 12.88
N LEU A 231 5.36 -22.25 11.57
CA LEU A 231 6.68 -21.86 11.02
C LEU A 231 7.11 -20.48 11.49
N LEU A 232 6.21 -19.49 11.36
CA LEU A 232 6.57 -18.11 11.67
C LEU A 232 6.76 -17.88 13.17
N ILE A 233 5.88 -18.49 13.96
CA ILE A 233 5.92 -18.32 15.41
C ILE A 233 7.17 -19.03 15.93
N GLY A 234 7.43 -20.21 15.41
CA GLY A 234 8.62 -20.98 15.77
C GLY A 234 9.93 -20.26 15.47
N ALA A 235 10.04 -19.74 14.26
CA ALA A 235 11.20 -18.95 13.86
C ALA A 235 11.36 -17.69 14.73
N GLU A 236 10.24 -17.03 15.02
CA GLU A 236 10.23 -15.89 15.95
C GLU A 236 10.81 -16.24 17.32
N VAL A 237 10.24 -17.26 17.98
CA VAL A 237 10.72 -17.61 19.31
C VAL A 237 12.16 -18.10 19.29
N ALA A 238 12.59 -18.85 18.26
CA ALA A 238 13.99 -19.29 18.20
C ALA A 238 14.91 -18.12 17.93
N THR A 239 14.45 -17.10 17.19
CA THR A 239 15.30 -15.93 16.93
C THR A 239 15.60 -15.15 18.20
N LEU A 240 14.58 -14.90 19.02
CA LEU A 240 14.71 -13.95 20.11
C LEU A 240 14.88 -14.52 21.50
N SER A 241 14.61 -15.81 21.68
CA SER A 241 14.52 -16.35 23.05
C SER A 241 15.82 -16.19 23.87
N ASP A 242 16.94 -16.58 23.29
CA ASP A 242 18.24 -16.39 23.95
C ASP A 242 18.67 -14.94 24.08
N THR A 243 18.06 -14.02 23.34
CA THR A 243 18.36 -12.59 23.45
C THR A 243 17.44 -11.89 24.47
N PHE A 244 16.29 -12.49 24.76
CA PHE A 244 15.43 -12.03 25.82
C PHE A 244 15.45 -13.12 26.91
N ALA A 245 16.64 -13.43 27.42
CA ALA A 245 16.79 -14.41 28.50
C ALA A 245 16.34 -13.83 29.85
N GLY A 246 15.97 -14.73 30.75
CA GLY A 246 15.44 -14.40 32.08
C GLY A 246 15.27 -15.70 32.86
N GLN A 247 15.56 -15.67 34.16
CA GLN A 247 15.20 -16.77 35.10
C GLN A 247 13.67 -16.82 35.26
N GLN A 248 13.05 -15.65 35.44
CA GLN A 248 11.59 -15.55 35.56
C GLN A 248 10.85 -15.94 34.29
N ALA A 249 9.64 -16.48 34.50
CA ALA A 249 8.74 -16.83 33.43
C ALA A 249 8.46 -15.57 32.61
N ILE A 250 8.67 -15.70 31.30
CA ILE A 250 8.21 -14.73 30.32
C ILE A 250 6.77 -14.45 30.65
N SER A 251 6.36 -13.19 30.68
CA SER A 251 4.94 -12.91 30.83
C SER A 251 4.34 -12.65 29.44
N LEU A 252 3.35 -13.47 29.09
CA LEU A 252 2.84 -13.55 27.75
C LEU A 252 1.50 -12.83 27.81
N VAL A 253 1.35 -11.77 27.02
CA VAL A 253 0.19 -10.88 27.10
C VAL A 253 -0.55 -10.92 25.76
N ALA A 254 -1.71 -11.54 25.73
CA ALA A 254 -2.45 -11.72 24.49
C ALA A 254 -3.83 -12.28 24.78
N GLY A 255 -4.65 -12.37 23.76
CA GLY A 255 -5.91 -13.09 23.84
C GLY A 255 -5.65 -14.59 23.97
N SER A 256 -6.73 -15.33 24.19
CA SER A 256 -6.59 -16.68 24.71
C SER A 256 -6.14 -17.67 23.64
N SER A 257 -6.67 -17.54 22.43
CA SER A 257 -6.22 -18.34 21.30
C SER A 257 -4.71 -18.20 21.02
N LEU A 258 -4.23 -16.97 20.89
CA LEU A 258 -2.85 -16.73 20.55
C LEU A 258 -1.89 -17.01 21.72
N THR A 259 -2.35 -16.80 22.94
CA THR A 259 -1.63 -17.23 24.14
C THR A 259 -1.27 -18.71 24.10
N SER A 260 -2.23 -19.55 23.79
CA SER A 260 -1.97 -20.97 23.79
C SER A 260 -1.03 -21.41 22.62
N ARG A 261 -1.08 -20.71 21.47
CA ARG A 261 -0.10 -20.96 20.41
C ARG A 261 1.33 -20.61 20.84
N TYR A 262 1.52 -19.45 21.46
CA TYR A 262 2.82 -19.05 21.95
C TYR A 262 3.28 -19.92 23.15
N GLN A 263 2.37 -20.35 24.00
CA GLN A 263 2.72 -21.27 25.08
C GLN A 263 3.32 -22.55 24.50
N GLN A 264 2.65 -23.09 23.50
CA GLN A 264 3.11 -24.30 22.83
C GLN A 264 4.50 -24.05 22.21
N ALA A 265 4.69 -22.90 21.56
CA ALA A 265 5.99 -22.54 20.98
C ALA A 265 7.08 -22.50 22.06
N PHE A 266 6.79 -21.80 23.15
CA PHE A 266 7.73 -21.72 24.27
C PHE A 266 8.02 -23.05 24.90
N ALA A 267 7.02 -23.92 25.03
CA ALA A 267 7.27 -25.25 25.59
C ALA A 267 8.18 -26.06 24.68
N ALA A 268 8.08 -25.89 23.36
CA ALA A 268 8.95 -26.65 22.43
C ALA A 268 10.42 -26.19 22.51
N ILE A 269 10.71 -25.01 23.08
CA ILE A 269 12.12 -24.65 23.34
C ILE A 269 12.50 -24.62 24.85
N GLY A 270 11.65 -25.22 25.69
CA GLY A 270 11.93 -25.37 27.12
C GLY A 270 11.78 -24.11 27.97
N ARG A 271 10.93 -23.17 27.55
CA ARG A 271 10.72 -21.98 28.35
C ARG A 271 9.30 -21.86 28.90
N GLU A 272 9.25 -21.40 30.15
CA GLU A 272 8.04 -21.29 30.93
C GLU A 272 7.49 -19.93 30.69
N VAL A 273 6.17 -19.85 30.65
CA VAL A 273 5.49 -18.57 30.54
C VAL A 273 4.39 -18.43 31.59
N SER A 274 4.13 -17.21 32.02
CA SER A 274 2.93 -16.81 32.78
C SER A 274 2.02 -16.06 31.78
N ALA A 275 0.73 -16.32 31.76
CA ALA A 275 -0.14 -15.72 30.77
C ALA A 275 -1.04 -14.68 31.44
N VAL A 276 -1.21 -13.51 30.84
CA VAL A 276 -2.25 -12.56 31.26
C VAL A 276 -3.02 -12.10 30.04
N ALA A 277 -4.34 -12.11 30.15
CA ALA A 277 -5.20 -11.69 29.04
C ALA A 277 -4.86 -10.26 28.61
N GLY A 278 -4.81 -10.02 27.29
CA GLY A 278 -4.57 -8.70 26.75
C GLY A 278 -5.57 -7.62 27.20
N ASP A 279 -6.84 -7.98 27.24
CA ASP A 279 -7.90 -7.02 27.59
C ASP A 279 -7.82 -6.65 29.10
N THR A 280 -7.58 -7.61 29.96
CA THR A 280 -7.32 -7.34 31.37
C THR A 280 -6.08 -6.47 31.58
N ALA A 281 -4.99 -6.79 30.88
CA ALA A 281 -3.80 -5.99 30.97
C ALA A 281 -4.06 -4.56 30.50
N PHE A 282 -4.81 -4.38 29.43
CA PHE A 282 -5.13 -3.06 28.93
C PHE A 282 -5.87 -2.23 30.01
N GLN A 283 -6.88 -2.81 30.64
CA GLN A 283 -7.75 -2.05 31.54
C GLN A 283 -7.04 -1.72 32.84
N THR A 284 -6.24 -2.66 33.35
CA THR A 284 -5.42 -2.42 34.52
C THR A 284 -4.40 -1.32 34.27
N GLY A 285 -3.76 -1.35 33.10
CA GLY A 285 -2.83 -0.29 32.69
C GLY A 285 -3.46 1.11 32.55
N ILE A 286 -4.55 1.22 31.80
CA ILE A 286 -5.34 2.45 31.72
C ILE A 286 -5.77 2.97 33.08
N ARG A 287 -6.25 2.07 33.93
CA ARG A 287 -6.65 2.44 35.27
C ARG A 287 -5.49 3.06 36.06
N SER A 288 -4.29 2.49 35.93
CA SER A 288 -3.14 3.05 36.66
C SER A 288 -2.90 4.50 36.21
N ILE A 289 -3.12 4.79 34.93
CA ILE A 289 -2.94 6.15 34.39
C ILE A 289 -4.09 7.05 34.89
N ALA A 290 -5.33 6.58 34.83
CA ALA A 290 -6.47 7.37 35.32
C ALA A 290 -6.34 7.74 36.81
N TYR A 291 -5.91 6.80 37.63
CA TYR A 291 -5.68 7.08 39.05
C TYR A 291 -4.60 8.14 39.24
N ALA A 292 -3.59 8.21 38.39
CA ALA A 292 -2.59 9.29 38.50
C ALA A 292 -3.20 10.66 38.19
N VAL A 293 -4.03 10.72 37.16
CA VAL A 293 -4.68 11.95 36.74
C VAL A 293 -5.66 12.46 37.78
N ALA A 294 -6.41 11.55 38.43
CA ALA A 294 -7.36 11.89 39.48
C ALA A 294 -6.71 12.10 40.88
N ASN A 295 -5.40 11.76 41.03
CA ASN A 295 -4.72 11.84 42.36
C ASN A 295 -4.71 13.25 42.90
N THR B 5 24.00 -26.00 -38.84
CA THR B 5 23.38 -25.54 -37.62
C THR B 5 21.86 -25.83 -37.65
N ALA B 6 21.23 -25.89 -36.47
CA ALA B 6 19.81 -26.24 -36.38
C ALA B 6 18.89 -25.02 -36.54
N ARG B 7 17.80 -25.23 -37.27
N ARG B 7 17.80 -25.19 -37.30
CA ARG B 7 16.67 -24.33 -37.31
CA ARG B 7 16.69 -24.25 -37.30
C ARG B 7 15.65 -24.75 -36.26
C ARG B 7 15.65 -24.73 -36.29
N TYR B 8 15.24 -23.82 -35.42
CA TYR B 8 14.30 -24.14 -34.34
C TYR B 8 13.56 -22.91 -33.91
N ILE B 9 12.46 -23.15 -33.21
CA ILE B 9 11.64 -22.09 -32.64
C ILE B 9 11.65 -22.21 -31.12
N ALA B 10 12.03 -21.14 -30.44
CA ALA B 10 12.13 -21.10 -28.99
C ALA B 10 10.93 -20.32 -28.46
N ILE B 11 10.29 -20.84 -27.39
CA ILE B 11 9.10 -20.21 -26.76
C ILE B 11 9.35 -20.09 -25.26
N ASP B 12 9.09 -18.90 -24.73
CA ASP B 12 8.93 -18.71 -23.30
C ASP B 12 7.47 -18.33 -23.08
N TRP B 13 6.69 -19.25 -22.52
CA TRP B 13 5.22 -19.07 -22.41
C TRP B 13 4.83 -19.01 -20.95
N GLY B 14 4.64 -17.79 -20.44
CA GLY B 14 4.34 -17.60 -19.02
C GLY B 14 2.85 -17.46 -18.76
N SER B 15 2.51 -17.18 -17.52
CA SER B 15 1.13 -16.94 -17.14
C SER B 15 0.49 -15.74 -17.84
N THR B 16 1.23 -14.67 -18.08
CA THR B 16 0.64 -13.43 -18.58
C THR B 16 1.23 -12.91 -19.89
N ASN B 17 2.34 -13.52 -20.34
CA ASN B 17 3.11 -13.09 -21.50
C ASN B 17 3.56 -14.30 -22.32
N LEU B 18 3.72 -14.13 -23.63
CA LEU B 18 4.26 -15.17 -24.50
C LEU B 18 5.32 -14.57 -25.39
N ARG B 19 6.49 -15.17 -25.44
CA ARG B 19 7.50 -14.76 -26.40
C ARG B 19 8.00 -15.91 -27.26
N ALA B 20 8.27 -15.61 -28.54
CA ALA B 20 8.69 -16.63 -29.50
C ALA B 20 9.86 -16.08 -30.32
N TRP B 21 10.78 -16.99 -30.69
CA TRP B 21 11.95 -16.62 -31.48
C TRP B 21 12.21 -17.72 -32.48
N LEU B 22 12.49 -17.34 -33.73
CA LEU B 22 12.92 -18.27 -34.76
C LEU B 22 14.42 -18.15 -34.88
N TYR B 23 15.11 -19.25 -34.76
CA TYR B 23 16.58 -19.23 -34.81
C TYR B 23 17.08 -20.15 -35.89
N GLN B 24 18.21 -19.75 -36.49
CA GLN B 24 19.02 -20.63 -37.31
C GLN B 24 20.40 -20.60 -36.66
N GLY B 25 20.72 -21.66 -35.94
CA GLY B 25 21.90 -21.67 -35.10
C GLY B 25 21.83 -20.55 -34.06
N GLU B 26 22.87 -19.71 -34.01
CA GLU B 26 22.89 -18.53 -33.14
C GLU B 26 22.22 -17.30 -33.74
N GLU B 27 21.72 -17.40 -34.99
CA GLU B 27 21.10 -16.26 -35.63
C GLU B 27 19.64 -16.19 -35.32
N CYS B 28 19.20 -15.10 -34.71
CA CYS B 28 17.78 -14.93 -34.41
C CYS B 28 17.15 -14.33 -35.63
N LEU B 29 16.38 -15.12 -36.37
CA LEU B 29 15.80 -14.67 -37.63
C LEU B 29 14.62 -13.70 -37.42
N GLU B 30 13.85 -13.94 -36.37
CA GLU B 30 12.68 -13.14 -36.04
C GLU B 30 12.23 -13.35 -34.61
N SER B 31 11.69 -12.30 -33.99
CA SER B 31 11.12 -12.46 -32.68
C SER B 31 9.74 -11.85 -32.63
N ARG B 32 8.87 -12.47 -31.84
CA ARG B 32 7.49 -12.04 -31.67
C ARG B 32 7.06 -12.13 -30.22
N GLN B 33 6.05 -11.34 -29.86
CA GLN B 33 5.57 -11.23 -28.50
C GLN B 33 4.05 -11.21 -28.54
N SER B 34 3.42 -11.70 -27.48
CA SER B 34 1.95 -11.65 -27.42
C SER B 34 1.49 -11.54 -25.96
N GLU B 35 0.34 -10.93 -25.75
CA GLU B 35 -0.23 -10.80 -24.41
C GLU B 35 -0.99 -12.09 -24.01
N ALA B 36 -0.98 -13.12 -24.84
CA ALA B 36 -1.70 -14.35 -24.59
C ALA B 36 -0.95 -15.37 -23.71
N GLY B 37 -0.63 -14.97 -22.47
CA GLY B 37 -0.16 -15.89 -21.45
C GLY B 37 -1.15 -17.01 -21.18
N VAL B 38 -0.70 -18.11 -20.59
CA VAL B 38 -1.59 -19.28 -20.47
C VAL B 38 -2.77 -19.03 -19.55
N THR B 39 -2.73 -18.00 -18.70
CA THR B 39 -3.93 -17.66 -17.93
C THR B 39 -4.73 -16.53 -18.60
N ARG B 40 -4.31 -16.07 -19.77
CA ARG B 40 -5.04 -15.01 -20.49
C ARG B 40 -5.31 -15.39 -21.91
N LEU B 41 -5.76 -16.62 -22.14
CA LEU B 41 -5.99 -17.06 -23.50
C LEU B 41 -7.25 -16.45 -24.10
N ASN B 42 -8.16 -15.96 -23.28
CA ASN B 42 -9.36 -15.30 -23.79
C ASN B 42 -10.22 -16.26 -24.64
N GLY B 43 -10.32 -17.51 -24.18
CA GLY B 43 -11.10 -18.53 -24.87
C GLY B 43 -10.45 -19.19 -26.09
N ARG B 44 -9.21 -18.81 -26.43
N ARG B 44 -9.21 -18.81 -26.43
CA ARG B 44 -8.48 -19.45 -27.52
CA ARG B 44 -8.49 -19.45 -27.53
C ARG B 44 -7.79 -20.72 -27.01
C ARG B 44 -7.76 -20.68 -27.03
N SER B 45 -7.67 -21.71 -27.88
CA SER B 45 -6.88 -22.86 -27.55
C SER B 45 -5.40 -22.45 -27.61
N PRO B 46 -4.59 -23.03 -26.74
CA PRO B 46 -3.15 -22.85 -26.86
C PRO B 46 -2.61 -23.18 -28.26
N ALA B 47 -3.11 -24.25 -28.87
CA ALA B 47 -2.72 -24.61 -30.23
C ALA B 47 -2.96 -23.46 -31.22
N ALA B 48 -4.11 -22.78 -31.10
CA ALA B 48 -4.42 -21.66 -31.99
C ALA B 48 -3.48 -20.48 -31.75
N VAL B 49 -3.17 -20.20 -30.49
CA VAL B 49 -2.24 -19.12 -30.14
C VAL B 49 -0.83 -19.44 -30.70
N LEU B 50 -0.41 -20.68 -30.59
CA LEU B 50 0.89 -21.06 -31.09
C LEU B 50 0.94 -21.00 -32.64
N ALA B 51 -0.12 -21.48 -33.29
CA ALA B 51 -0.20 -21.39 -34.76
C ALA B 51 -0.06 -19.96 -35.22
N GLU B 52 -0.70 -19.02 -34.54
CA GLU B 52 -0.66 -17.65 -35.02
C GLU B 52 0.73 -17.07 -34.81
N ILE B 53 1.33 -17.31 -33.64
CA ILE B 53 2.63 -16.69 -33.31
C ILE B 53 3.80 -17.30 -34.12
N THR B 54 3.63 -18.50 -34.66
CA THR B 54 4.64 -19.17 -35.51
C THR B 54 4.26 -19.17 -37.00
N GLN B 55 3.26 -18.39 -37.38
CA GLN B 55 2.89 -18.22 -38.78
C GLN B 55 4.08 -17.81 -39.64
N HIS B 56 4.23 -18.50 -40.78
CA HIS B 56 5.30 -18.32 -41.76
C HIS B 56 6.67 -18.83 -41.28
N TRP B 57 6.75 -19.44 -40.08
CA TRP B 57 8.02 -19.93 -39.53
C TRP B 57 8.17 -21.44 -39.63
N ARG B 58 7.09 -22.19 -39.83
N ARG B 58 7.02 -22.08 -39.78
CA ARG B 58 7.18 -23.67 -39.76
CA ARG B 58 6.90 -23.50 -39.62
C ARG B 58 7.35 -24.34 -41.15
C ARG B 58 7.32 -24.20 -40.87
N ASP B 59 8.34 -25.24 -41.28
N ASP B 59 7.99 -25.32 -40.66
CA ASP B 59 8.70 -25.84 -42.59
CA ASP B 59 8.15 -26.31 -41.69
C ASP B 59 8.72 -27.38 -42.66
C ASP B 59 8.16 -27.63 -40.95
N GLY B 60 8.46 -28.04 -41.53
N GLY B 60 8.07 -28.70 -41.74
CA GLY B 60 8.33 -29.51 -41.48
CA GLY B 60 8.26 -30.05 -41.25
C GLY B 60 9.41 -30.26 -40.70
C GLY B 60 9.39 -30.12 -40.26
N ALA B 61 10.58 -29.63 -40.60
CA ALA B 61 11.74 -30.06 -39.82
C ALA B 61 12.13 -29.12 -38.68
N THR B 62 11.27 -28.17 -38.31
CA THR B 62 11.63 -27.12 -37.37
C THR B 62 10.86 -27.32 -36.05
N PRO B 63 11.55 -27.88 -35.03
CA PRO B 63 10.89 -28.14 -33.77
C PRO B 63 10.57 -26.86 -33.03
N VAL B 64 9.45 -26.90 -32.30
CA VAL B 64 9.10 -25.87 -31.35
C VAL B 64 9.45 -26.36 -29.95
N VAL B 65 10.27 -25.61 -29.22
CA VAL B 65 10.69 -25.97 -27.88
C VAL B 65 10.19 -24.89 -26.90
N ALA B 67 9.40 -23.36 -22.95
CA ALA B 67 9.61 -23.34 -21.52
C ALA B 67 8.52 -22.57 -20.76
N GLY B 68 8.37 -22.90 -19.48
CA GLY B 68 7.57 -22.09 -18.56
C GLY B 68 6.22 -22.69 -18.20
N VAL B 70 3.48 -22.95 -19.55
CA VAL B 70 2.79 -23.76 -20.54
C VAL B 70 2.77 -25.23 -20.13
N GLY B 71 3.74 -25.62 -19.30
CA GLY B 71 3.82 -26.99 -18.81
C GLY B 71 3.34 -27.22 -17.40
N SER B 72 2.66 -26.23 -16.83
CA SER B 72 2.05 -26.35 -15.52
C SER B 72 0.63 -26.86 -15.65
N ASN B 73 -0.03 -27.05 -14.52
CA ASN B 73 -1.43 -27.47 -14.49
C ASN B 73 -2.45 -26.39 -14.91
N VAL B 74 -2.01 -25.17 -15.20
CA VAL B 74 -2.88 -24.13 -15.80
C VAL B 74 -2.45 -23.83 -17.29
N GLY B 75 -1.55 -24.66 -17.81
CA GLY B 75 -1.03 -24.46 -19.15
C GLY B 75 -1.68 -25.34 -20.18
N TRP B 76 -0.91 -25.73 -21.19
CA TRP B 76 -1.41 -26.51 -22.29
C TRP B 76 -1.50 -27.96 -21.85
N LYS B 77 -0.40 -28.49 -21.32
CA LYS B 77 -0.33 -29.88 -20.87
C LYS B 77 0.77 -29.99 -19.83
N ILE B 78 0.57 -30.80 -18.79
CA ILE B 78 1.51 -30.86 -17.67
C ILE B 78 2.75 -31.56 -18.19
N ALA B 79 3.92 -30.93 -17.99
CA ALA B 79 5.21 -31.56 -18.16
C ALA B 79 5.68 -31.90 -16.75
N PRO B 80 5.48 -33.14 -16.29
CA PRO B 80 5.77 -33.39 -14.88
C PRO B 80 7.20 -33.01 -14.46
N TYR B 81 7.33 -32.49 -13.25
CA TYR B 81 8.66 -32.19 -12.73
C TYR B 81 9.59 -33.41 -12.76
N LEU B 82 10.84 -33.21 -13.14
CA LEU B 82 11.87 -34.24 -13.03
C LEU B 82 12.43 -34.17 -11.62
N PRO B 83 12.32 -35.25 -10.84
CA PRO B 83 12.92 -35.25 -9.52
C PRO B 83 14.46 -35.27 -9.53
N LEU B 84 15.08 -34.56 -8.59
CA LEU B 84 16.52 -34.53 -8.48
C LEU B 84 16.96 -35.65 -7.57
N PRO B 85 18.20 -36.13 -7.71
CA PRO B 85 19.21 -35.71 -8.71
C PRO B 85 18.92 -36.15 -10.13
N ALA B 86 19.27 -35.29 -11.09
CA ALA B 86 19.09 -35.52 -12.52
C ALA B 86 20.28 -34.93 -13.29
N ALA B 87 20.66 -35.60 -14.37
CA ALA B 87 21.74 -35.10 -15.20
C ALA B 87 21.25 -33.92 -16.03
N PHE B 88 22.10 -32.94 -16.27
CA PHE B 88 21.74 -31.81 -17.11
C PHE B 88 21.14 -32.31 -18.42
N SER B 89 21.78 -33.33 -19.01
CA SER B 89 21.32 -33.93 -20.25
C SER B 89 19.97 -34.69 -20.19
N ASP B 90 19.50 -35.02 -19.00
CA ASP B 90 18.18 -35.66 -18.80
C ASP B 90 17.04 -34.73 -19.24
N ILE B 91 17.22 -33.42 -19.11
CA ILE B 91 16.10 -32.48 -19.40
C ILE B 91 15.66 -32.60 -20.90
N GLY B 92 16.58 -32.52 -21.85
CA GLY B 92 16.24 -32.62 -23.26
C GLY B 92 15.81 -34.00 -23.74
N GLN B 93 16.00 -35.02 -22.90
N GLN B 93 16.04 -35.05 -22.92
CA GLN B 93 15.58 -36.39 -23.20
CA GLN B 93 15.56 -36.41 -23.20
C GLN B 93 14.24 -36.74 -22.55
C GLN B 93 14.18 -36.69 -22.63
N GLN B 94 13.66 -35.82 -21.79
CA GLN B 94 12.36 -36.04 -21.12
C GLN B 94 11.37 -34.90 -21.40
N LEU B 95 11.36 -34.42 -22.65
CA LEU B 95 10.42 -33.37 -23.03
C LEU B 95 9.02 -33.98 -23.11
N THR B 96 7.99 -33.17 -22.90
CA THR B 96 6.60 -33.62 -23.08
C THR B 96 6.14 -33.17 -24.47
N ALA B 97 5.63 -34.10 -25.29
CA ALA B 97 5.12 -33.80 -26.64
C ALA B 97 3.68 -33.31 -26.55
N VAL B 98 3.36 -32.23 -27.25
CA VAL B 98 1.96 -31.74 -27.29
C VAL B 98 1.38 -31.80 -28.68
N GLY B 99 2.19 -32.18 -29.64
CA GLY B 99 1.76 -32.17 -31.01
C GLY B 99 2.99 -32.44 -31.80
N ASP B 100 2.84 -32.49 -33.12
CA ASP B 100 3.97 -32.81 -34.00
C ASP B 100 5.20 -31.89 -33.90
N ASN B 101 6.22 -32.42 -33.28
CA ASN B 101 7.47 -31.70 -33.13
C ASN B 101 7.29 -30.37 -32.34
N ILE B 102 6.33 -30.37 -31.42
CA ILE B 102 6.15 -29.32 -30.42
C ILE B 102 6.34 -29.95 -29.04
N TRP B 103 7.25 -29.37 -28.23
CA TRP B 103 7.76 -29.99 -27.01
C TRP B 103 7.77 -29.00 -25.87
N ILE B 104 7.44 -29.46 -24.67
CA ILE B 104 7.47 -28.66 -23.47
C ILE B 104 8.61 -29.13 -22.58
N ILE B 105 9.41 -28.18 -22.10
CA ILE B 105 10.48 -28.46 -21.15
C ILE B 105 9.92 -28.58 -19.73
N PRO B 106 10.23 -29.69 -19.03
CA PRO B 106 9.69 -29.86 -17.70
C PRO B 106 10.48 -29.12 -16.66
N GLY B 107 9.86 -28.77 -15.54
CA GLY B 107 10.63 -28.20 -14.40
C GLY B 107 11.33 -29.31 -13.61
N LEU B 108 11.90 -28.96 -12.47
CA LEU B 108 12.59 -29.85 -11.54
C LEU B 108 11.96 -29.75 -10.17
N CYS B 109 12.10 -30.82 -9.38
CA CYS B 109 11.67 -30.85 -8.00
C CYS B 109 12.56 -31.67 -7.10
N VAL B 110 12.41 -31.39 -5.81
CA VAL B 110 13.05 -32.09 -4.73
C VAL B 110 11.94 -32.33 -3.72
N SER B 111 11.91 -33.54 -3.16
CA SER B 111 10.89 -33.92 -2.22
C SER B 111 11.45 -34.90 -1.20
N ARG B 112 12.00 -34.35 -0.13
CA ARG B 112 12.46 -35.16 0.99
C ARG B 112 12.10 -34.41 2.31
N ASP B 113 12.32 -35.05 3.45
CA ASP B 113 11.84 -34.52 4.72
C ASP B 113 12.26 -33.08 4.94
N ASP B 114 13.50 -32.73 4.58
CA ASP B 114 14.01 -31.39 4.89
C ASP B 114 14.07 -30.43 3.70
N ASN B 115 13.42 -30.77 2.59
CA ASN B 115 13.40 -29.94 1.38
C ASN B 115 12.28 -30.36 0.43
N HIS B 116 11.27 -29.49 0.32
CA HIS B 116 10.27 -29.58 -0.76
C HIS B 116 10.46 -28.33 -1.62
N ASN B 117 10.66 -28.54 -2.91
CA ASN B 117 10.95 -27.48 -3.80
C ASN B 117 10.57 -27.82 -5.24
N VAL B 118 10.19 -26.77 -5.99
CA VAL B 118 9.86 -26.89 -7.38
C VAL B 118 10.38 -25.67 -8.13
N ARG B 120 9.98 -24.18 -12.53
CA ARG B 120 9.52 -24.40 -13.90
C ARG B 120 9.83 -23.14 -14.73
N GLY B 121 10.84 -23.22 -15.56
CA GLY B 121 11.31 -22.08 -16.34
C GLY B 121 12.80 -21.94 -16.10
N GLU B 122 13.20 -21.84 -14.83
CA GLU B 122 14.61 -21.60 -14.49
C GLU B 122 15.55 -22.72 -14.89
N GLU B 123 15.05 -23.96 -15.00
CA GLU B 123 15.90 -25.05 -15.46
C GLU B 123 16.51 -24.75 -16.85
N THR B 124 15.79 -24.03 -17.68
CA THR B 124 16.25 -23.72 -19.03
C THR B 124 17.40 -22.71 -19.00
N GLN B 125 17.30 -21.73 -18.12
CA GLN B 125 18.44 -20.81 -17.87
C GLN B 125 19.63 -21.52 -17.28
N LEU B 126 19.35 -22.48 -16.40
CA LEU B 126 20.38 -23.26 -15.75
C LEU B 126 21.20 -24.06 -16.76
N LEU B 127 20.53 -24.71 -17.72
CA LEU B 127 21.20 -25.40 -18.81
C LEU B 127 22.09 -24.43 -19.58
N GLY B 128 21.62 -23.22 -19.86
CA GLY B 128 22.50 -22.23 -20.48
C GLY B 128 23.69 -21.80 -19.65
N ALA B 129 23.43 -21.55 -18.36
CA ALA B 129 24.49 -21.15 -17.45
C ALA B 129 25.53 -22.24 -17.27
N ARG B 130 25.11 -23.50 -17.34
CA ARG B 130 26.05 -24.61 -17.29
C ARG B 130 27.07 -24.58 -18.46
N ALA B 131 26.65 -24.09 -19.63
CA ALA B 131 27.57 -23.90 -20.74
C ALA B 131 28.36 -22.58 -20.65
N LEU B 132 27.72 -21.51 -20.22
CA LEU B 132 28.26 -20.19 -20.35
C LEU B 132 29.04 -19.73 -19.12
N ALA B 133 28.75 -20.30 -17.96
CA ALA B 133 29.56 -19.98 -16.75
C ALA B 133 29.38 -21.10 -15.75
N PRO B 134 29.95 -22.27 -16.04
CA PRO B 134 29.79 -23.44 -15.18
C PRO B 134 30.28 -23.16 -13.78
N SER B 135 29.62 -23.77 -12.83
CA SER B 135 30.00 -23.66 -11.46
C SER B 135 29.33 -24.78 -10.71
N SER B 136 29.77 -24.97 -9.48
CA SER B 136 29.08 -25.87 -8.57
C SER B 136 27.78 -25.24 -7.99
N VAL B 137 27.72 -23.89 -7.96
CA VAL B 137 26.58 -23.15 -7.36
C VAL B 137 26.06 -22.12 -8.34
N TYR B 138 24.77 -22.21 -8.69
CA TYR B 138 24.13 -21.21 -9.53
C TYR B 138 23.08 -20.44 -8.66
N VAL B 139 23.09 -19.12 -8.73
CA VAL B 139 22.09 -18.29 -8.05
C VAL B 139 21.31 -17.49 -9.12
N PRO B 141 18.49 -14.91 -9.37
CA PRO B 141 17.52 -14.11 -8.62
C PRO B 141 16.26 -13.64 -9.39
N GLY B 142 15.25 -13.24 -8.63
CA GLY B 142 14.04 -12.64 -9.19
C GLY B 142 12.94 -12.64 -8.15
N THR B 143 11.70 -12.78 -8.62
CA THR B 143 10.55 -12.92 -7.71
C THR B 143 10.76 -14.07 -6.78
N HIS B 144 11.25 -15.19 -7.32
CA HIS B 144 11.59 -16.38 -6.55
CA HIS B 144 11.61 -16.36 -6.51
C HIS B 144 13.01 -16.85 -6.86
N CYS B 145 14.00 -16.41 -6.08
CA CYS B 145 15.38 -16.76 -6.35
C CYS B 145 15.73 -18.25 -6.16
N LYS B 146 16.28 -18.86 -7.19
CA LYS B 146 16.71 -20.26 -7.08
C LYS B 146 18.23 -20.32 -6.83
N TRP B 147 18.62 -21.11 -5.83
CA TRP B 147 20.01 -21.42 -5.57
C TRP B 147 20.18 -22.91 -5.92
N VAL B 148 21.06 -23.24 -6.85
CA VAL B 148 21.17 -24.62 -7.35
C VAL B 148 22.57 -25.18 -7.07
N LEU B 149 22.64 -26.39 -6.54
CA LEU B 149 23.92 -27.12 -6.37
C LEU B 149 24.02 -28.18 -7.43
N ALA B 150 25.14 -28.20 -8.13
CA ALA B 150 25.35 -29.15 -9.21
C ALA B 150 26.85 -29.44 -9.35
N ASP B 151 27.21 -30.52 -10.03
CA ASP B 151 28.60 -30.76 -10.45
C ASP B 151 28.62 -30.68 -11.99
N ARG B 152 29.67 -31.21 -12.60
CA ARG B 152 29.78 -31.18 -14.04
C ARG B 152 28.64 -31.90 -14.80
N ARG B 153 28.09 -32.97 -14.23
N ARG B 153 28.10 -32.98 -14.22
CA ARG B 153 27.09 -33.75 -14.94
CA ARG B 153 27.08 -33.79 -14.91
C ARG B 153 25.69 -33.73 -14.32
C ARG B 153 25.68 -33.66 -14.33
N GLN B 154 25.58 -33.53 -13.01
CA GLN B 154 24.32 -33.63 -12.32
C GLN B 154 23.90 -32.40 -11.55
N ILE B 155 22.60 -32.16 -11.59
CA ILE B 155 21.93 -31.19 -10.76
C ILE B 155 21.52 -31.93 -9.47
N HIS B 156 22.08 -31.53 -8.34
CA HIS B 156 21.90 -32.26 -7.11
C HIS B 156 20.74 -31.73 -6.25
N ASP B 157 20.58 -30.41 -6.14
CA ASP B 157 19.70 -29.87 -5.11
C ASP B 157 19.43 -28.40 -5.38
N PHE B 158 18.33 -27.87 -4.83
CA PHE B 158 18.07 -26.45 -4.88
C PHE B 158 17.14 -26.00 -3.76
N ARG B 159 17.29 -24.71 -3.44
CA ARG B 159 16.46 -23.99 -2.52
C ARG B 159 15.90 -22.75 -3.26
N THR B 160 14.82 -22.21 -2.71
CA THR B 160 14.13 -21.08 -3.26
C THR B 160 13.96 -20.03 -2.15
N VAL B 161 14.31 -18.77 -2.45
CA VAL B 161 14.07 -17.68 -1.54
C VAL B 161 13.20 -16.65 -2.25
N LEU B 162 12.10 -16.27 -1.58
N LEU B 162 12.05 -16.31 -1.67
CA LEU B 162 11.12 -15.32 -2.11
CA LEU B 162 11.14 -15.37 -2.34
C LEU B 162 11.54 -13.87 -1.91
C LEU B 162 11.49 -13.90 -2.05
N THR B 163 12.73 -13.55 -2.37
CA THR B 163 13.29 -12.21 -2.14
C THR B 163 12.51 -11.10 -2.86
N GLY B 164 12.28 -11.22 -4.17
CA GLY B 164 11.55 -10.25 -4.95
C GLY B 164 10.08 -10.12 -4.54
N GLU B 165 9.41 -11.25 -4.32
CA GLU B 165 8.03 -11.22 -3.87
C GLU B 165 7.89 -10.61 -2.48
N LEU B 166 8.76 -10.98 -1.57
CA LEU B 166 8.67 -10.46 -0.20
C LEU B 166 8.99 -8.96 -0.16
N HIS B 167 9.96 -8.54 -0.96
CA HIS B 167 10.27 -7.15 -1.09
C HIS B 167 9.06 -6.37 -1.56
N HIS B 168 8.42 -6.83 -2.63
CA HIS B 168 7.24 -6.15 -3.13
C HIS B 168 6.09 -6.09 -2.09
N LEU B 169 5.80 -7.22 -1.47
CA LEU B 169 4.73 -7.31 -0.48
C LEU B 169 4.97 -6.43 0.74
N LEU B 170 6.18 -6.49 1.29
CA LEU B 170 6.51 -5.70 2.46
C LEU B 170 6.54 -4.20 2.14
N LEU B 171 7.03 -3.81 0.96
N LEU B 171 7.15 -3.86 1.02
CA LEU B 171 7.02 -2.41 0.56
CA LEU B 171 7.28 -2.46 0.62
C LEU B 171 5.63 -1.89 0.22
C LEU B 171 5.89 -1.84 0.50
N GLN B 172 4.86 -2.65 -0.53
N GLN B 172 4.95 -2.50 -0.17
CA GLN B 172 3.66 -2.06 -1.11
CA GLN B 172 3.60 -1.92 -0.27
C GLN B 172 2.34 -2.67 -0.63
C GLN B 172 3.02 -1.72 1.15
N LEU B 173 2.42 -3.79 0.10
N LEU B 173 3.09 -2.74 2.00
CA LEU B 173 1.22 -4.47 0.55
CA LEU B 173 2.53 -2.63 3.33
C LEU B 173 1.14 -4.59 2.07
C LEU B 173 3.09 -1.40 4.00
N SER B 174 2.07 -3.98 2.81
N SER B 174 4.42 -1.29 3.91
CA SER B 174 2.13 -4.09 4.29
CA SER B 174 5.15 -0.21 4.50
C SER B 174 2.41 -2.77 5.02
C SER B 174 4.81 1.16 3.86
N LEU B 175 2.33 -2.79 6.36
N LEU B 175 4.50 1.18 2.56
CA LEU B 175 2.46 -1.54 7.16
CA LEU B 175 4.03 2.41 1.89
C LEU B 175 3.87 -0.93 7.14
C LEU B 175 2.62 2.84 2.38
N VAL B 176 4.88 -1.71 6.76
N VAL B 176 1.66 1.92 2.37
CA VAL B 176 6.24 -1.19 6.57
CA VAL B 176 0.28 2.28 2.80
C VAL B 176 6.22 0.09 5.70
C VAL B 176 0.24 2.77 4.25
N GLY B 177 5.88 -0.10 4.43
N GLY B 177 1.02 2.11 5.10
CA GLY B 177 5.90 0.97 3.46
CA GLY B 177 1.03 2.37 6.53
C GLY B 177 4.61 1.77 3.29
C GLY B 177 1.67 3.66 6.99
N ALA B 178 3.67 1.62 4.23
N ALA B 178 2.65 4.21 6.24
CA ALA B 178 2.45 2.41 4.24
CA ALA B 178 3.24 5.50 6.64
C ALA B 178 2.82 3.86 4.51
C ALA B 178 2.96 6.59 5.63
N GLY B 179 2.31 4.77 3.67
N GLY B 179 2.03 6.30 4.71
CA GLY B 179 2.51 6.21 3.82
CA GLY B 179 1.78 7.12 3.51
C GLY B 179 3.75 6.79 3.19
C GLY B 179 3.04 7.56 2.79
N LEU B 180 4.58 5.97 2.55
N LEU B 180 3.88 6.59 2.41
CA LEU B 180 5.83 6.46 1.93
CA LEU B 180 5.28 6.92 2.05
C LEU B 180 5.56 7.23 0.61
C LEU B 180 5.30 7.51 0.64
N PRO B 181 6.37 8.28 0.32
CA PRO B 181 6.37 8.99 -0.94
C PRO B 181 6.97 8.09 -2.03
N PRO B 182 7.01 8.57 -3.28
CA PRO B 182 7.69 7.76 -4.28
C PRO B 182 9.13 7.47 -3.87
N GLN B 183 9.58 6.29 -4.22
CA GLN B 183 10.86 5.77 -3.77
C GLN B 183 11.97 6.11 -4.74
N GLU B 184 13.17 6.36 -4.21
CA GLU B 184 14.28 6.81 -5.05
C GLU B 184 15.44 5.83 -4.97
N THR B 185 16.28 5.85 -5.98
CA THR B 185 17.55 5.16 -5.99
C THR B 185 18.45 5.71 -4.89
N SER B 186 19.13 4.81 -4.18
CA SER B 186 20.08 5.24 -3.14
C SER B 186 21.12 4.14 -2.92
N ALA B 187 22.33 4.35 -3.45
CA ALA B 187 23.42 3.39 -3.26
C ALA B 187 23.73 3.22 -1.79
N ALA B 188 23.68 4.31 -1.04
CA ALA B 188 23.98 4.28 0.39
C ALA B 188 22.95 3.50 1.21
N ALA B 189 21.66 3.69 0.93
CA ALA B 189 20.66 2.99 1.70
C ALA B 189 20.74 1.48 1.34
N PHE B 190 20.95 1.16 0.06
CA PHE B 190 21.10 -0.24 -0.31
C PHE B 190 22.28 -0.91 0.45
N ALA B 191 23.41 -0.22 0.50
CA ALA B 191 24.63 -0.71 1.13
C ALA B 191 24.44 -0.95 2.66
N ALA B 192 23.76 -0.03 3.31
CA ALA B 192 23.37 -0.13 4.75
C ALA B 192 22.44 -1.30 5.03
N GLY B 193 21.41 -1.46 4.19
CA GLY B 193 20.51 -2.62 4.30
C GLY B 193 21.26 -3.93 4.15
N LEU B 194 22.17 -3.98 3.17
CA LEU B 194 23.02 -5.11 2.95
C LEU B 194 23.82 -5.48 4.21
N GLN B 195 24.43 -4.50 4.86
CA GLN B 195 25.21 -4.80 6.07
C GLN B 195 24.29 -5.35 7.16
N ARG B 196 23.11 -4.79 7.31
CA ARG B 196 22.18 -5.25 8.32
C ARG B 196 21.69 -6.69 8.01
N GLY B 197 21.45 -6.99 6.75
CA GLY B 197 20.94 -8.31 6.38
C GLY B 197 21.97 -9.44 6.49
N ILE B 198 23.17 -9.15 6.02
CA ILE B 198 24.30 -10.06 6.14
C ILE B 198 24.58 -10.43 7.59
N ASN B 199 24.37 -9.47 8.51
CA ASN B 199 24.61 -9.74 9.93
C ASN B 199 23.40 -10.31 10.68
N ASN B 200 22.26 -10.37 10.00
CA ASN B 200 21.04 -10.92 10.58
C ASN B 200 20.28 -11.88 9.65
N PRO B 201 20.89 -13.01 9.26
CA PRO B 201 20.10 -13.99 8.49
C PRO B 201 18.78 -14.42 9.16
N ALA B 202 18.75 -14.45 10.49
CA ALA B 202 17.52 -14.63 11.28
C ALA B 202 16.88 -13.26 11.27
N VAL B 203 16.25 -12.94 10.14
CA VAL B 203 15.96 -11.57 9.76
C VAL B 203 14.63 -11.05 10.31
N LEU B 204 13.77 -11.92 10.86
CA LEU B 204 12.37 -11.51 11.15
C LEU B 204 12.20 -10.20 11.96
N PRO B 205 13.00 -9.98 13.04
CA PRO B 205 12.80 -8.72 13.81
C PRO B 205 13.24 -7.48 13.06
N GLN B 206 14.14 -7.64 12.10
CA GLN B 206 14.66 -6.52 11.33
C GLN B 206 13.63 -5.93 10.35
N LEU B 207 12.61 -6.68 10.01
CA LEU B 207 11.65 -6.22 9.02
C LEU B 207 10.87 -5.00 9.50
N PHE B 208 10.33 -5.04 10.72
CA PHE B 208 9.65 -3.90 11.27
C PHE B 208 10.57 -2.72 11.46
N GLU B 209 11.83 -2.98 11.80
CA GLU B 209 12.77 -1.87 12.11
C GLU B 209 13.06 -0.97 10.92
N VAL B 210 12.84 -1.46 9.71
CA VAL B 210 12.87 -0.63 8.52
C VAL B 210 11.81 0.51 8.63
N ARG B 211 10.60 0.16 9.05
N ARG B 211 10.61 0.18 9.07
N ARG B 211 10.59 0.17 9.05
CA ARG B 211 9.53 1.14 9.23
CA ARG B 211 9.56 1.16 9.22
CA ARG B 211 9.53 1.17 9.23
C ARG B 211 9.83 2.10 10.38
C ARG B 211 9.84 2.12 10.37
C ARG B 211 9.87 2.12 10.37
N ALA B 212 10.27 1.55 11.51
CA ALA B 212 10.65 2.37 12.68
C ALA B 212 11.79 3.28 12.31
N SER B 213 12.70 2.80 11.48
CA SER B 213 13.85 3.61 11.12
C SER B 213 13.41 4.87 10.42
N HIS B 214 12.44 4.77 9.51
CA HIS B 214 11.97 6.00 8.85
C HIS B 214 11.07 6.89 9.76
N VAL B 215 10.28 6.27 10.65
CA VAL B 215 9.42 7.02 11.59
C VAL B 215 10.31 7.88 12.47
N LEU B 216 11.47 7.35 12.86
CA LEU B 216 12.34 8.03 13.83
C LEU B 216 13.43 8.90 13.15
N GLY B 217 13.41 8.97 11.81
CA GLY B 217 14.34 9.82 11.07
C GLY B 217 15.72 9.23 10.81
N ALA B 218 15.93 7.95 11.08
CA ALA B 218 17.23 7.34 10.80
C ALA B 218 17.36 6.91 9.32
N LEU B 219 16.24 6.76 8.60
CA LEU B 219 16.26 6.34 7.20
C LEU B 219 15.28 7.26 6.46
N PRO B 220 15.78 7.99 5.45
CA PRO B 220 14.88 8.81 4.64
C PRO B 220 13.70 8.01 4.05
N ARG B 221 12.52 8.61 4.14
CA ARG B 221 11.25 8.02 3.69
C ARG B 221 11.27 7.54 2.23
N GLU B 222 12.09 8.19 1.42
CA GLU B 222 12.20 7.81 0.03
C GLU B 222 13.26 6.72 -0.27
N GLN B 223 13.95 6.22 0.77
CA GLN B 223 15.02 5.23 0.56
C GLN B 223 14.71 3.89 1.22
N VAL B 224 13.46 3.71 1.59
CA VAL B 224 12.97 2.49 2.21
C VAL B 224 13.06 1.30 1.29
N SER B 225 12.61 1.43 0.05
CA SER B 225 12.71 0.33 -0.91
C SER B 225 14.17 -0.15 -1.04
N GLU B 226 15.09 0.79 -1.15
CA GLU B 226 16.52 0.44 -1.30
C GLU B 226 17.07 -0.25 -0.05
N PHE B 227 16.74 0.27 1.13
CA PHE B 227 17.20 -0.37 2.36
C PHE B 227 16.65 -1.78 2.49
N LEU B 228 15.37 -1.93 2.23
CA LEU B 228 14.68 -3.22 2.34
C LEU B 228 15.27 -4.28 1.35
N SER B 229 15.59 -3.83 0.15
CA SER B 229 16.28 -4.63 -0.87
C SER B 229 17.62 -5.13 -0.34
N GLY B 230 18.45 -4.23 0.18
CA GLY B 230 19.71 -4.66 0.79
C GLY B 230 19.50 -5.64 1.95
N LEU B 231 18.50 -5.37 2.82
CA LEU B 231 18.24 -6.21 3.98
C LEU B 231 17.88 -7.63 3.57
N LEU B 232 16.95 -7.77 2.62
CA LEU B 232 16.44 -9.07 2.20
C LEU B 232 17.50 -9.84 1.42
N ILE B 233 18.23 -9.16 0.53
CA ILE B 233 19.27 -9.84 -0.26
C ILE B 233 20.42 -10.25 0.65
N GLY B 234 20.81 -9.36 1.57
CA GLY B 234 21.90 -9.66 2.49
C GLY B 234 21.56 -10.83 3.37
N ALA B 235 20.35 -10.85 3.96
CA ALA B 235 19.87 -11.97 4.78
C ALA B 235 19.82 -13.30 3.97
N GLU B 236 19.36 -13.24 2.72
CA GLU B 236 19.33 -14.41 1.82
C GLU B 236 20.73 -15.00 1.66
N VAL B 237 21.66 -14.15 1.26
CA VAL B 237 23.03 -14.57 0.98
C VAL B 237 23.74 -15.07 2.25
N ALA B 238 23.49 -14.48 3.40
CA ALA B 238 24.10 -14.96 4.64
C ALA B 238 23.40 -16.24 5.09
N THR B 239 22.17 -16.49 4.65
CA THR B 239 21.47 -17.71 5.05
C THR B 239 22.03 -18.93 4.30
N LEU B 240 22.30 -18.79 3.01
CA LEU B 240 22.55 -19.92 2.18
C LEU B 240 23.99 -20.06 1.73
N SER B 241 24.82 -19.03 1.87
CA SER B 241 26.15 -19.10 1.29
C SER B 241 26.97 -20.25 1.86
N ASP B 242 27.00 -20.43 3.18
CA ASP B 242 27.80 -21.51 3.79
C ASP B 242 27.24 -22.90 3.54
N THR B 243 25.95 -22.99 3.22
CA THR B 243 25.28 -24.24 2.87
C THR B 243 25.52 -24.70 1.42
N PHE B 244 25.55 -23.73 0.50
CA PHE B 244 25.94 -23.96 -0.88
C PHE B 244 27.41 -23.50 -1.07
N ALA B 245 28.35 -24.13 -0.39
CA ALA B 245 29.76 -23.72 -0.46
C ALA B 245 30.40 -24.28 -1.73
N GLY B 246 31.57 -23.76 -2.06
CA GLY B 246 32.27 -24.19 -3.27
C GLY B 246 33.45 -23.30 -3.52
N GLN B 247 34.50 -23.84 -4.13
CA GLN B 247 35.71 -23.06 -4.46
C GLN B 247 35.50 -22.19 -5.71
N GLN B 248 34.88 -22.74 -6.76
CA GLN B 248 34.54 -21.94 -7.95
C GLN B 248 33.55 -20.77 -7.66
N ALA B 249 33.70 -19.71 -8.44
CA ALA B 249 32.83 -18.53 -8.41
C ALA B 249 31.39 -18.98 -8.58
N ILE B 250 30.52 -18.44 -7.75
CA ILE B 250 29.10 -18.63 -7.92
C ILE B 250 28.73 -18.12 -9.30
N SER B 251 27.88 -18.84 -10.00
CA SER B 251 27.40 -18.40 -11.29
C SER B 251 26.04 -17.70 -11.07
N LEU B 252 26.05 -16.38 -11.25
CA LEU B 252 24.91 -15.52 -11.02
C LEU B 252 24.19 -15.31 -12.36
N VAL B 253 22.91 -15.61 -12.43
CA VAL B 253 22.15 -15.61 -13.69
C VAL B 253 21.00 -14.66 -13.47
N ALA B 254 21.04 -13.49 -14.12
CA ALA B 254 20.07 -12.44 -13.87
C ALA B 254 20.21 -11.28 -14.90
N GLY B 255 19.19 -10.44 -14.95
CA GLY B 255 19.26 -9.18 -15.68
C GLY B 255 20.19 -8.20 -14.94
N SER B 256 20.36 -7.03 -15.52
CA SER B 256 21.46 -6.20 -15.09
C SER B 256 21.30 -5.54 -13.71
N SER B 257 20.10 -5.08 -13.36
CA SER B 257 19.86 -4.52 -12.01
C SER B 257 20.16 -5.54 -10.90
N LEU B 258 19.49 -6.69 -10.92
CA LEU B 258 19.69 -7.71 -9.90
C LEU B 258 21.13 -8.26 -9.90
N THR B 259 21.75 -8.37 -11.06
CA THR B 259 23.11 -8.83 -11.12
C THR B 259 23.94 -7.90 -10.24
N SER B 260 23.71 -6.61 -10.38
CA SER B 260 24.52 -5.65 -9.66
C SER B 260 24.32 -5.75 -8.13
N ARG B 261 23.06 -5.91 -7.72
CA ARG B 261 22.74 -6.03 -6.31
C ARG B 261 23.35 -7.26 -5.68
N TYR B 262 23.25 -8.37 -6.39
CA TYR B 262 23.78 -9.63 -5.89
C TYR B 262 25.32 -9.65 -5.92
N GLN B 263 25.94 -9.03 -6.90
CA GLN B 263 27.40 -8.94 -6.92
C GLN B 263 27.87 -8.22 -5.67
N GLN B 264 27.17 -7.12 -5.37
CA GLN B 264 27.53 -6.33 -4.21
C GLN B 264 27.29 -7.17 -2.93
N ALA B 265 26.22 -7.96 -2.92
CA ALA B 265 25.89 -8.79 -1.73
C ALA B 265 26.96 -9.85 -1.54
N PHE B 266 27.37 -10.51 -2.62
CA PHE B 266 28.43 -11.53 -2.54
C PHE B 266 29.81 -10.96 -2.20
N ALA B 267 30.15 -9.80 -2.77
CA ALA B 267 31.38 -9.13 -2.40
C ALA B 267 31.44 -8.75 -0.91
N ALA B 268 30.29 -8.40 -0.31
CA ALA B 268 30.22 -8.07 1.12
C ALA B 268 30.48 -9.29 2.03
N ILE B 269 30.29 -10.53 1.55
CA ILE B 269 30.65 -11.71 2.33
C ILE B 269 31.86 -12.45 1.73
N GLY B 270 32.62 -11.78 0.87
CA GLY B 270 33.90 -12.32 0.37
C GLY B 270 33.77 -13.49 -0.59
N ARG B 271 32.75 -13.48 -1.44
CA ARG B 271 32.51 -14.62 -2.29
C ARG B 271 32.58 -14.15 -3.75
N GLU B 272 33.33 -14.87 -4.60
CA GLU B 272 33.50 -14.53 -6.02
C GLU B 272 32.26 -14.91 -6.82
N VAL B 273 32.00 -14.15 -7.87
CA VAL B 273 30.86 -14.37 -8.73
C VAL B 273 31.24 -14.25 -10.21
N SER B 274 30.73 -15.14 -11.05
CA SER B 274 30.80 -15.04 -12.53
C SER B 274 29.40 -14.75 -13.04
N ALA B 275 29.16 -13.59 -13.64
CA ALA B 275 27.79 -13.27 -14.03
C ALA B 275 27.50 -13.72 -15.49
N VAL B 276 26.29 -14.19 -15.74
CA VAL B 276 25.79 -14.37 -17.09
C VAL B 276 24.38 -13.76 -17.17
N ALA B 277 24.11 -13.03 -18.25
CA ALA B 277 22.80 -12.43 -18.43
C ALA B 277 21.73 -13.53 -18.54
N GLY B 278 20.61 -13.33 -17.88
CA GLY B 278 19.52 -14.26 -17.87
C GLY B 278 18.91 -14.55 -19.23
N ASP B 279 18.83 -13.55 -20.12
CA ASP B 279 18.30 -13.73 -21.49
C ASP B 279 19.24 -14.61 -22.34
N THR B 280 20.54 -14.36 -22.22
CA THR B 280 21.59 -15.13 -22.90
C THR B 280 21.58 -16.55 -22.38
N ALA B 281 21.49 -16.71 -21.07
CA ALA B 281 21.37 -18.07 -20.48
C ALA B 281 20.13 -18.81 -21.00
N PHE B 282 18.99 -18.14 -21.02
CA PHE B 282 17.79 -18.76 -21.55
C PHE B 282 17.97 -19.25 -22.99
N GLN B 283 18.48 -18.40 -23.86
CA GLN B 283 18.59 -18.76 -25.27
C GLN B 283 19.59 -19.90 -25.51
N THR B 284 20.70 -19.89 -24.77
CA THR B 284 21.68 -20.95 -24.88
C THR B 284 21.10 -22.24 -24.34
N GLY B 285 20.33 -22.14 -23.26
CA GLY B 285 19.63 -23.31 -22.75
C GLY B 285 18.63 -23.93 -23.73
N ILE B 286 17.72 -23.12 -24.25
CA ILE B 286 16.75 -23.60 -25.21
C ILE B 286 17.46 -24.15 -26.45
N ARG B 287 18.51 -23.49 -26.90
CA ARG B 287 19.26 -23.95 -28.05
C ARG B 287 19.82 -25.37 -27.83
N SER B 288 20.34 -25.65 -26.62
CA SER B 288 20.96 -26.95 -26.38
C SER B 288 19.89 -28.06 -26.45
N ILE B 289 18.68 -27.73 -26.02
CA ILE B 289 17.55 -28.67 -26.14
C ILE B 289 17.10 -28.85 -27.61
N ALA B 290 16.85 -27.75 -28.33
CA ALA B 290 16.53 -27.82 -29.75
C ALA B 290 17.56 -28.66 -30.53
N TYR B 291 18.86 -28.44 -30.30
CA TYR B 291 19.88 -29.24 -30.96
C TYR B 291 19.75 -30.71 -30.64
N ALA B 292 19.35 -31.03 -29.42
CA ALA B 292 19.19 -32.46 -29.07
C ALA B 292 17.94 -33.05 -29.74
N VAL B 293 16.89 -32.25 -29.93
CA VAL B 293 15.67 -32.71 -30.63
C VAL B 293 15.98 -32.89 -32.12
N ALA B 294 16.56 -31.87 -32.78
CA ALA B 294 16.93 -31.96 -34.20
C ALA B 294 17.88 -33.15 -34.44
N ASN B 295 18.86 -33.32 -33.56
CA ASN B 295 19.81 -34.43 -33.65
C ASN B 295 20.55 -34.49 -35.00
N THR C 5 -39.54 -14.85 13.00
CA THR C 5 -39.68 -14.94 14.47
C THR C 5 -38.80 -16.04 15.11
N ALA C 6 -37.94 -16.68 14.31
CA ALA C 6 -37.07 -17.76 14.79
C ALA C 6 -35.68 -17.23 15.17
N ARG C 7 -34.83 -18.14 15.67
CA ARG C 7 -33.47 -17.79 16.11
C ARG C 7 -32.46 -17.71 14.95
N TYR C 8 -31.60 -16.71 14.99
CA TYR C 8 -30.53 -16.58 13.98
C TYR C 8 -29.35 -15.73 14.47
N ILE C 9 -28.18 -15.95 13.87
CA ILE C 9 -26.98 -15.20 14.16
C ILE C 9 -26.63 -14.32 12.95
N ALA C 10 -26.46 -13.02 13.20
CA ALA C 10 -25.96 -12.05 12.20
C ALA C 10 -24.46 -11.80 12.42
N ILE C 11 -23.70 -11.73 11.33
CA ILE C 11 -22.26 -11.49 11.39
C ILE C 11 -21.93 -10.44 10.33
N ASP C 12 -21.19 -9.42 10.76
CA ASP C 12 -20.58 -8.46 9.87
C ASP C 12 -19.08 -8.69 10.08
N TRP C 13 -18.46 -9.33 9.10
CA TRP C 13 -17.06 -9.70 9.17
C TRP C 13 -16.24 -8.89 8.17
N GLY C 14 -15.58 -7.85 8.64
CA GLY C 14 -14.71 -7.02 7.79
C GLY C 14 -13.24 -7.49 7.78
N SER C 15 -12.37 -6.66 7.21
CA SER C 15 -10.97 -6.98 7.11
C SER C 15 -10.28 -6.90 8.45
N THR C 16 -10.73 -5.99 9.31
CA THR C 16 -10.09 -5.79 10.59
C THR C 16 -10.98 -5.96 11.83
N ASN C 17 -12.29 -6.04 11.64
N ASN C 17 -12.31 -6.02 11.68
CA ASN C 17 -13.24 -6.15 12.76
CA ASN C 17 -13.21 -6.13 12.85
C ASN C 17 -14.24 -7.27 12.51
C ASN C 17 -14.31 -7.15 12.56
N LEU C 18 -14.69 -7.89 13.60
CA LEU C 18 -15.73 -8.93 13.53
C LEU C 18 -16.80 -8.56 14.55
N ARG C 19 -18.03 -8.46 14.07
CA ARG C 19 -19.18 -8.14 14.95
C ARG C 19 -20.23 -9.23 14.79
N ALA C 20 -20.78 -9.68 15.91
CA ALA C 20 -21.75 -10.78 15.93
C ALA C 20 -22.94 -10.42 16.83
N TRP C 21 -24.12 -10.86 16.40
CA TRP C 21 -25.39 -10.63 17.11
C TRP C 21 -26.21 -11.92 17.12
N LEU C 22 -26.74 -12.30 18.28
CA LEU C 22 -27.74 -13.37 18.41
C LEU C 22 -29.15 -12.79 18.45
N TYR C 23 -30.02 -13.23 17.55
CA TYR C 23 -31.38 -12.69 17.48
C TYR C 23 -32.43 -13.78 17.65
N GLN C 24 -33.49 -13.42 18.37
CA GLN C 24 -34.76 -14.15 18.41
C GLN C 24 -35.77 -13.29 17.67
N GLY C 25 -35.87 -13.54 16.37
CA GLY C 25 -36.67 -12.69 15.51
C GLY C 25 -36.14 -11.27 15.45
N GLU C 26 -36.87 -10.35 16.07
CA GLU C 26 -36.60 -8.93 16.04
C GLU C 26 -35.86 -8.49 17.32
N GLU C 27 -35.85 -9.35 18.35
CA GLU C 27 -35.17 -9.06 19.62
C GLU C 27 -33.74 -9.54 19.57
N CYS C 28 -32.81 -8.63 19.86
CA CYS C 28 -31.38 -8.99 19.94
C CYS C 28 -31.09 -9.51 21.34
N LEU C 29 -30.72 -10.79 21.45
CA LEU C 29 -30.47 -11.41 22.77
C LEU C 29 -29.08 -11.05 23.26
N GLU C 30 -28.09 -11.10 22.38
CA GLU C 30 -26.70 -10.78 22.76
C GLU C 30 -25.85 -10.32 21.58
N SER C 31 -24.84 -9.50 21.86
CA SER C 31 -23.87 -9.13 20.84
C SER C 31 -22.43 -9.21 21.36
N ARG C 32 -21.52 -9.55 20.45
CA ARG C 32 -20.11 -9.68 20.76
C ARG C 32 -19.27 -9.07 19.62
N GLN C 33 -18.04 -8.65 19.96
CA GLN C 33 -17.10 -8.11 18.99
C GLN C 33 -15.70 -8.70 19.21
N SER C 34 -14.92 -8.69 18.13
CA SER C 34 -13.53 -9.15 18.11
C SER C 34 -12.72 -8.34 17.10
N GLU C 35 -11.42 -8.19 17.37
CA GLU C 35 -10.46 -7.58 16.44
C GLU C 35 -9.99 -8.62 15.41
N ALA C 36 -10.65 -9.78 15.35
CA ALA C 36 -10.27 -10.86 14.45
C ALA C 36 -10.90 -10.76 13.07
N GLY C 37 -10.78 -9.61 12.41
CA GLY C 37 -11.12 -9.49 10.99
C GLY C 37 -10.38 -10.52 10.11
N VAL C 38 -10.83 -10.70 8.85
CA VAL C 38 -10.33 -11.76 7.95
C VAL C 38 -8.85 -11.64 7.55
N THR C 39 -8.25 -10.46 7.73
CA THR C 39 -6.82 -10.27 7.46
C THR C 39 -6.01 -10.29 8.76
N ARG C 40 -6.68 -10.41 9.91
CA ARG C 40 -6.05 -10.38 11.22
C ARG C 40 -6.33 -11.67 11.99
N LEU C 41 -6.45 -12.81 11.32
CA LEU C 41 -6.78 -14.06 12.02
C LEU C 41 -5.56 -14.62 12.79
N ASN C 42 -4.36 -14.13 12.46
CA ASN C 42 -3.09 -14.53 13.11
C ASN C 42 -2.85 -16.04 13.16
N GLY C 43 -3.29 -16.78 12.15
CA GLY C 43 -3.06 -18.23 12.08
C GLY C 43 -4.28 -19.15 12.28
N ARG C 44 -5.35 -18.61 12.86
CA ARG C 44 -6.58 -19.39 13.12
C ARG C 44 -7.40 -19.56 11.87
N SER C 45 -8.13 -20.68 11.77
CA SER C 45 -9.07 -20.86 10.68
C SER C 45 -10.30 -20.00 10.96
N PRO C 46 -10.98 -19.55 9.88
CA PRO C 46 -12.16 -18.74 10.12
C PRO C 46 -13.23 -19.54 10.85
N ALA C 47 -13.32 -20.84 10.55
CA ALA C 47 -14.24 -21.73 11.26
C ALA C 47 -14.02 -21.66 12.79
N ALA C 48 -12.75 -21.65 13.21
CA ALA C 48 -12.37 -21.57 14.64
C ALA C 48 -12.76 -20.23 15.28
N VAL C 49 -12.49 -19.11 14.59
CA VAL C 49 -12.82 -17.78 15.11
C VAL C 49 -14.34 -17.59 15.23
N LEU C 50 -15.07 -18.08 14.23
CA LEU C 50 -16.52 -18.05 14.23
C LEU C 50 -17.05 -18.88 15.38
N ALA C 51 -16.44 -20.05 15.59
CA ALA C 51 -16.89 -20.97 16.64
C ALA C 51 -16.75 -20.35 18.03
N GLU C 52 -15.63 -19.65 18.27
CA GLU C 52 -15.40 -18.97 19.57
C GLU C 52 -16.34 -17.79 19.81
N ILE C 53 -16.57 -16.98 18.77
CA ILE C 53 -17.45 -15.82 18.91
C ILE C 53 -18.94 -16.20 19.03
N THR C 54 -19.31 -17.40 18.59
CA THR C 54 -20.70 -17.89 18.70
C THR C 54 -20.91 -19.00 19.74
N GLN C 55 -19.93 -19.20 20.64
CA GLN C 55 -20.04 -20.20 21.71
C GLN C 55 -21.28 -19.96 22.54
N HIS C 56 -21.98 -21.05 22.88
CA HIS C 56 -23.18 -21.03 23.72
C HIS C 56 -24.40 -20.34 23.06
N TRP C 57 -24.33 -20.13 21.75
CA TRP C 57 -25.42 -19.49 21.00
C TRP C 57 -26.18 -20.48 20.11
N ARG C 58 -25.47 -21.47 19.58
CA ARG C 58 -26.05 -22.35 18.55
C ARG C 58 -26.72 -23.60 19.14
N ASP C 59 -28.02 -23.47 19.45
CA ASP C 59 -28.83 -24.60 19.93
C ASP C 59 -28.85 -25.82 18.96
N GLY C 60 -28.70 -25.56 17.67
CA GLY C 60 -28.78 -26.61 16.63
C GLY C 60 -29.88 -26.40 15.60
N ALA C 61 -30.65 -25.30 15.74
CA ALA C 61 -31.61 -24.85 14.72
C ALA C 61 -31.37 -23.34 14.45
N THR C 62 -30.11 -22.92 14.57
CA THR C 62 -29.73 -21.51 14.52
C THR C 62 -28.79 -21.27 13.34
N PRO C 63 -29.33 -20.80 12.18
CA PRO C 63 -28.46 -20.49 11.04
C PRO C 63 -27.58 -19.27 11.31
N VAL C 64 -26.39 -19.26 10.70
CA VAL C 64 -25.48 -18.13 10.80
C VAL C 64 -25.43 -17.50 9.41
N VAL C 65 -25.73 -16.19 9.38
CA VAL C 65 -25.79 -15.39 8.15
C VAL C 65 -24.73 -14.28 8.24
N ALA C 67 -22.18 -11.35 6.38
CA ALA C 67 -21.94 -10.33 5.37
C ALA C 67 -20.50 -9.89 5.42
N GLY C 68 -19.99 -9.43 4.28
CA GLY C 68 -18.75 -8.66 4.23
C GLY C 68 -17.58 -9.43 3.63
N VAL C 70 -15.69 -11.60 4.75
CA VAL C 70 -15.65 -13.05 4.90
C VAL C 70 -15.87 -13.81 3.58
N GLY C 71 -16.58 -13.19 2.63
CA GLY C 71 -16.82 -13.77 1.30
C GLY C 71 -15.92 -13.29 0.14
N SER C 72 -14.82 -12.60 0.48
CA SER C 72 -13.87 -12.07 -0.51
C SER C 72 -12.78 -13.09 -0.72
N ASN C 73 -11.86 -12.79 -1.61
CA ASN C 73 -10.73 -13.66 -1.84
C ASN C 73 -9.67 -13.65 -0.69
N VAL C 74 -9.88 -12.86 0.36
CA VAL C 74 -9.04 -12.95 1.57
C VAL C 74 -9.90 -13.39 2.77
N GLY C 75 -11.10 -13.87 2.49
CA GLY C 75 -12.01 -14.34 3.54
C GLY C 75 -11.94 -15.83 3.79
N TRP C 76 -13.07 -16.39 4.21
CA TRP C 76 -13.20 -17.83 4.47
C TRP C 76 -13.31 -18.61 3.13
N LYS C 77 -14.26 -18.18 2.30
CA LYS C 77 -14.60 -18.83 1.03
C LYS C 77 -15.19 -17.75 0.13
N ILE C 78 -14.77 -17.71 -1.12
CA ILE C 78 -15.28 -16.70 -2.06
C ILE C 78 -16.82 -16.89 -2.23
N ALA C 79 -17.57 -15.79 -2.07
CA ALA C 79 -18.99 -15.70 -2.47
C ALA C 79 -19.00 -14.79 -3.68
N PRO C 80 -19.05 -15.39 -4.88
CA PRO C 80 -18.89 -14.59 -6.07
C PRO C 80 -19.96 -13.52 -6.21
N TYR C 81 -19.54 -12.35 -6.71
CA TYR C 81 -20.47 -11.24 -6.97
C TYR C 81 -21.63 -11.69 -7.87
N LEU C 82 -22.84 -11.26 -7.51
CA LEU C 82 -24.00 -11.40 -8.39
C LEU C 82 -24.05 -10.26 -9.40
N PRO C 83 -24.10 -10.60 -10.71
CA PRO C 83 -24.09 -9.50 -11.67
C PRO C 83 -25.44 -8.78 -11.77
N LEU C 84 -25.42 -7.44 -11.92
CA LEU C 84 -26.65 -6.68 -12.11
C LEU C 84 -27.01 -6.63 -13.61
N PRO C 85 -28.29 -6.44 -13.94
CA PRO C 85 -29.42 -6.29 -13.03
C PRO C 85 -29.78 -7.62 -12.36
N ALA C 86 -30.33 -7.54 -11.15
CA ALA C 86 -30.71 -8.71 -10.35
C ALA C 86 -31.91 -8.34 -9.45
N ALA C 87 -32.80 -9.28 -9.26
CA ALA C 87 -33.92 -9.08 -8.34
C ALA C 87 -33.41 -9.05 -6.90
N PHE C 88 -33.98 -8.17 -6.07
CA PHE C 88 -33.66 -8.09 -4.63
C PHE C 88 -33.69 -9.47 -3.97
N SER C 89 -34.65 -10.30 -4.35
CA SER C 89 -34.81 -11.61 -3.73
C SER C 89 -33.77 -12.66 -4.20
N ASP C 90 -32.98 -12.37 -5.24
CA ASP C 90 -31.98 -13.33 -5.71
C ASP C 90 -30.82 -13.53 -4.71
N ILE C 91 -30.50 -12.47 -3.96
CA ILE C 91 -29.39 -12.49 -3.01
C ILE C 91 -29.62 -13.62 -2.01
N GLY C 92 -30.77 -13.59 -1.34
CA GLY C 92 -31.18 -14.66 -0.42
C GLY C 92 -31.23 -16.08 -0.97
N GLN C 93 -31.38 -16.22 -2.28
N GLN C 93 -31.42 -16.21 -2.29
CA GLN C 93 -31.45 -17.56 -2.90
CA GLN C 93 -31.46 -17.51 -2.97
C GLN C 93 -30.13 -17.92 -3.61
C GLN C 93 -30.09 -17.98 -3.47
N GLN C 94 -29.07 -17.12 -3.42
CA GLN C 94 -27.73 -17.44 -3.97
C GLN C 94 -26.60 -17.27 -2.93
N LEU C 95 -26.86 -17.79 -1.72
CA LEU C 95 -25.89 -17.69 -0.64
C LEU C 95 -24.81 -18.74 -0.88
N THR C 96 -23.61 -18.50 -0.34
CA THR C 96 -22.52 -19.46 -0.42
C THR C 96 -22.50 -20.25 0.90
N ALA C 97 -22.65 -21.56 0.83
CA ALA C 97 -22.63 -22.41 2.03
C ALA C 97 -21.19 -22.67 2.42
N VAL C 98 -20.86 -22.47 3.71
CA VAL C 98 -19.53 -22.86 4.21
C VAL C 98 -19.57 -24.11 5.11
N GLY C 99 -20.78 -24.66 5.31
CA GLY C 99 -20.99 -25.89 6.08
C GLY C 99 -21.83 -25.59 7.33
N ASP C 100 -22.44 -26.61 7.91
CA ASP C 100 -22.96 -26.49 9.28
C ASP C 100 -24.03 -25.35 9.40
N ASN C 101 -24.79 -25.15 8.33
CA ASN C 101 -25.84 -24.14 8.32
C ASN C 101 -25.24 -22.73 8.58
N ILE C 102 -24.06 -22.49 7.99
CA ILE C 102 -23.36 -21.19 8.00
C ILE C 102 -23.38 -20.69 6.55
N TRP C 103 -23.79 -19.44 6.37
CA TRP C 103 -24.03 -18.88 5.03
C TRP C 103 -23.31 -17.54 4.83
N ILE C 104 -22.79 -17.30 3.62
CA ILE C 104 -22.16 -16.03 3.28
C ILE C 104 -23.01 -15.32 2.22
N ILE C 105 -23.28 -14.04 2.46
CA ILE C 105 -24.03 -13.22 1.52
C ILE C 105 -23.05 -12.69 0.50
N PRO C 106 -23.38 -12.81 -0.78
CA PRO C 106 -22.45 -12.36 -1.80
C PRO C 106 -22.59 -10.86 -2.06
N GLY C 107 -21.55 -10.28 -2.65
CA GLY C 107 -21.61 -8.94 -3.16
C GLY C 107 -22.33 -8.82 -4.48
N LEU C 108 -22.33 -7.61 -5.02
CA LEU C 108 -22.95 -7.32 -6.32
C LEU C 108 -21.93 -6.66 -7.23
N CYS C 109 -22.05 -6.90 -8.53
CA CYS C 109 -21.15 -6.28 -9.49
C CYS C 109 -21.89 -5.81 -10.74
N VAL C 110 -21.32 -4.81 -11.38
CA VAL C 110 -21.67 -4.35 -12.70
C VAL C 110 -20.42 -4.37 -13.56
N SER C 111 -20.59 -4.83 -14.79
CA SER C 111 -19.49 -4.86 -15.74
C SER C 111 -19.97 -4.56 -17.13
N ARG C 112 -19.75 -3.33 -17.59
CA ARG C 112 -20.01 -2.95 -18.98
C ARG C 112 -19.02 -1.85 -19.39
N ASP C 113 -19.04 -1.47 -20.66
CA ASP C 113 -18.01 -0.54 -21.17
C ASP C 113 -17.90 0.77 -20.36
N ASP C 114 -19.04 1.30 -19.88
N ASP C 114 -19.03 1.31 -19.87
CA ASP C 114 -19.07 2.59 -19.16
CA ASP C 114 -19.06 2.59 -19.16
C ASP C 114 -19.09 2.47 -17.62
C ASP C 114 -19.05 2.47 -17.62
N ASN C 115 -19.01 1.24 -17.08
CA ASN C 115 -19.15 1.04 -15.63
C ASN C 115 -18.66 -0.33 -15.18
N HIS C 116 -17.55 -0.33 -14.43
CA HIS C 116 -17.15 -1.49 -13.69
C HIS C 116 -17.22 -1.17 -12.20
N ASN C 117 -17.97 -1.99 -11.46
CA ASN C 117 -18.22 -1.70 -10.06
C ASN C 117 -18.48 -2.94 -9.22
N VAL C 118 -18.02 -2.89 -7.98
CA VAL C 118 -18.29 -3.94 -7.01
C VAL C 118 -18.74 -3.38 -5.66
N ARG C 120 -19.38 -5.30 -1.53
CA ARG C 120 -19.49 -6.51 -0.73
C ARG C 120 -19.77 -6.09 0.69
N GLY C 121 -21.03 -6.22 1.10
CA GLY C 121 -21.45 -5.76 2.44
C GLY C 121 -22.62 -4.82 2.36
N GLU C 122 -22.54 -3.83 1.46
CA GLU C 122 -23.59 -2.83 1.35
C GLU C 122 -24.88 -3.37 0.77
N GLU C 123 -24.80 -4.47 0.03
CA GLU C 123 -26.01 -5.15 -0.46
C GLU C 123 -26.92 -5.60 0.69
N THR C 124 -26.34 -5.92 1.84
CA THR C 124 -27.18 -6.35 2.97
C THR C 124 -27.97 -5.12 3.51
N GLN C 125 -27.29 -3.99 3.61
CA GLN C 125 -27.93 -2.71 3.95
C GLN C 125 -28.99 -2.27 2.93
N LEU C 126 -28.65 -2.39 1.64
CA LEU C 126 -29.59 -2.12 0.54
C LEU C 126 -30.87 -2.93 0.63
N LEU C 127 -30.77 -4.22 0.97
CA LEU C 127 -31.93 -5.07 1.21
C LEU C 127 -32.79 -4.53 2.37
N GLY C 128 -32.13 -4.05 3.42
CA GLY C 128 -32.84 -3.44 4.55
C GLY C 128 -33.55 -2.15 4.19
N ALA C 129 -32.84 -1.27 3.47
CA ALA C 129 -33.37 0.03 3.04
C ALA C 129 -34.60 -0.19 2.16
N ARG C 130 -34.50 -1.16 1.25
CA ARG C 130 -35.62 -1.54 0.37
C ARG C 130 -36.89 -1.86 1.17
N ALA C 131 -36.73 -2.58 2.28
CA ALA C 131 -37.83 -2.94 3.15
C ALA C 131 -38.32 -1.80 4.05
N LEU C 132 -37.42 -0.94 4.52
CA LEU C 132 -37.75 0.13 5.48
C LEU C 132 -38.19 1.44 4.84
N ALA C 133 -37.59 1.78 3.71
CA ALA C 133 -37.87 3.04 2.99
C ALA C 133 -37.59 2.83 1.51
N PRO C 134 -38.49 2.08 0.82
CA PRO C 134 -38.31 1.77 -0.60
C PRO C 134 -38.14 3.03 -1.42
N SER C 135 -37.17 3.00 -2.33
CA SER C 135 -36.93 4.13 -3.20
C SER C 135 -36.32 3.71 -4.53
N SER C 136 -36.16 4.66 -5.44
CA SER C 136 -35.52 4.43 -6.71
C SER C 136 -34.02 4.75 -6.69
N VAL C 137 -33.59 5.55 -5.72
CA VAL C 137 -32.17 5.86 -5.55
C VAL C 137 -31.80 5.68 -4.07
N TYR C 138 -30.76 4.88 -3.80
CA TYR C 138 -30.21 4.73 -2.44
C TYR C 138 -28.81 5.29 -2.46
N VAL C 139 -28.47 6.13 -1.48
CA VAL C 139 -27.11 6.67 -1.30
C VAL C 139 -26.61 6.21 0.06
N PRO C 141 -23.42 6.42 2.19
CA PRO C 141 -22.15 7.05 2.28
C PRO C 141 -21.22 6.42 3.28
N GLY C 142 -19.94 6.74 3.14
CA GLY C 142 -18.93 6.18 4.04
C GLY C 142 -17.54 6.31 3.43
N THR C 143 -16.69 5.33 3.70
CA THR C 143 -15.31 5.33 3.20
C THR C 143 -15.39 5.27 1.67
N HIS C 144 -16.26 4.39 1.18
CA HIS C 144 -16.65 4.27 -0.23
C HIS C 144 -18.16 4.38 -0.44
N CYS C 145 -18.65 5.52 -0.88
N CYS C 145 -18.67 5.55 -0.82
CA CYS C 145 -20.08 5.73 -0.99
CA CYS C 145 -20.12 5.75 -0.92
C CYS C 145 -20.66 4.96 -2.16
C CYS C 145 -20.72 5.05 -2.15
N LYS C 146 -21.76 4.24 -1.93
CA LYS C 146 -22.46 3.57 -3.01
C LYS C 146 -23.73 4.34 -3.36
N TRP C 147 -23.89 4.66 -4.66
CA TRP C 147 -25.08 5.25 -5.18
C TRP C 147 -25.75 4.19 -6.03
N VAL C 148 -26.96 3.80 -5.62
CA VAL C 148 -27.67 2.66 -6.23
C VAL C 148 -28.98 3.11 -6.92
N LEU C 149 -29.17 2.63 -8.15
CA LEU C 149 -30.40 2.79 -8.91
C LEU C 149 -31.18 1.48 -8.86
N ALA C 150 -32.42 1.54 -8.39
CA ALA C 150 -33.27 0.36 -8.30
C ALA C 150 -34.73 0.73 -8.55
N ASP C 151 -35.59 -0.28 -8.73
CA ASP C 151 -37.05 -0.11 -8.68
C ASP C 151 -37.59 -1.11 -7.62
N ARG C 152 -38.89 -1.39 -7.60
CA ARG C 152 -39.43 -2.32 -6.57
C ARG C 152 -38.96 -3.76 -6.69
N ARG C 153 -38.57 -4.15 -7.89
CA ARG C 153 -38.24 -5.54 -8.17
C ARG C 153 -36.74 -5.74 -8.26
N GLN C 154 -36.06 -4.90 -9.04
CA GLN C 154 -34.65 -5.12 -9.38
C GLN C 154 -33.68 -4.00 -8.94
N ILE C 155 -32.45 -4.39 -8.58
CA ILE C 155 -31.32 -3.46 -8.45
C ILE C 155 -30.70 -3.37 -9.85
N HIS C 156 -30.65 -2.17 -10.45
CA HIS C 156 -30.20 -2.02 -11.85
C HIS C 156 -28.73 -1.62 -12.02
N ASP C 157 -28.22 -0.75 -11.16
CA ASP C 157 -26.91 -0.16 -11.38
C ASP C 157 -26.40 0.51 -10.10
N PHE C 158 -25.08 0.70 -10.02
CA PHE C 158 -24.51 1.55 -8.98
C PHE C 158 -23.19 2.18 -9.40
N ARG C 159 -22.86 3.31 -8.77
CA ARG C 159 -21.55 3.93 -8.83
C ARG C 159 -20.96 3.98 -7.42
N THR C 160 -19.64 4.09 -7.34
CA THR C 160 -18.94 4.21 -6.05
C THR C 160 -18.13 5.47 -6.08
N VAL C 161 -18.22 6.29 -5.03
CA VAL C 161 -17.34 7.46 -4.87
C VAL C 161 -16.51 7.30 -3.60
N LEU C 162 -15.20 7.48 -3.73
CA LEU C 162 -14.23 7.26 -2.65
C LEU C 162 -14.17 8.42 -1.67
N THR C 163 -15.30 8.92 -1.18
CA THR C 163 -15.29 10.19 -0.45
C THR C 163 -14.56 10.13 0.90
N GLY C 164 -14.87 9.16 1.77
CA GLY C 164 -14.16 9.10 3.05
C GLY C 164 -12.71 8.72 2.92
N GLU C 165 -12.41 7.77 2.04
CA GLU C 165 -11.04 7.38 1.76
C GLU C 165 -10.23 8.53 1.21
N LEU C 166 -10.77 9.26 0.26
CA LEU C 166 -10.06 10.39 -0.32
C LEU C 166 -9.83 11.52 0.69
N HIS C 167 -10.79 11.77 1.56
CA HIS C 167 -10.58 12.73 2.66
C HIS C 167 -9.35 12.35 3.50
N HIS C 168 -9.31 11.10 3.93
CA HIS C 168 -8.20 10.53 4.69
C HIS C 168 -6.85 10.68 3.92
N LEU C 169 -6.83 10.27 2.65
CA LEU C 169 -5.61 10.33 1.87
C LEU C 169 -5.09 11.77 1.79
N LEU C 170 -5.98 12.69 1.48
CA LEU C 170 -5.56 14.06 1.26
C LEU C 170 -5.18 14.74 2.57
N LEU C 171 -5.94 14.49 3.63
CA LEU C 171 -5.69 15.18 4.90
C LEU C 171 -4.47 14.60 5.59
N GLN C 172 -4.42 13.26 5.63
N GLN C 172 -4.40 13.27 5.71
CA GLN C 172 -3.53 12.56 6.53
CA GLN C 172 -3.38 12.68 6.60
C GLN C 172 -2.28 12.12 5.80
C GLN C 172 -2.29 11.92 5.85
N LEU C 173 -2.39 11.76 4.53
CA LEU C 173 -1.26 11.20 3.76
C LEU C 173 -0.65 12.16 2.69
N SER C 174 -1.32 13.23 2.31
CA SER C 174 -0.77 14.10 1.25
C SER C 174 -0.29 15.44 1.76
N LEU C 175 0.41 16.15 0.86
CA LEU C 175 0.87 17.53 1.08
C LEU C 175 -0.25 18.48 1.53
N VAL C 176 -1.48 18.18 1.14
CA VAL C 176 -2.60 19.09 1.42
C VAL C 176 -2.78 19.30 2.89
N GLY C 177 -2.60 18.24 3.66
CA GLY C 177 -2.74 18.30 5.10
C GLY C 177 -1.44 18.28 5.91
N ALA C 178 -0.29 18.20 5.27
CA ALA C 178 0.98 18.22 5.99
C ALA C 178 1.12 19.44 6.92
N GLY C 179 1.71 19.18 8.09
CA GLY C 179 2.03 20.19 9.09
C GLY C 179 0.85 20.86 9.77
N LEU C 180 -0.31 20.23 9.78
CA LEU C 180 -1.48 20.89 10.39
C LEU C 180 -1.56 20.59 11.89
N PRO C 181 -2.20 21.49 12.65
CA PRO C 181 -2.41 21.29 14.07
C PRO C 181 -3.65 20.42 14.28
N PRO C 182 -3.95 20.06 15.55
CA PRO C 182 -5.18 19.32 15.83
C PRO C 182 -6.39 20.01 15.19
N GLN C 183 -7.27 19.22 14.59
CA GLN C 183 -8.38 19.75 13.82
C GLN C 183 -9.59 19.99 14.70
N GLU C 184 -10.34 21.05 14.40
CA GLU C 184 -11.52 21.44 15.17
C GLU C 184 -12.77 21.28 14.33
N THR C 185 -13.87 21.03 15.04
CA THR C 185 -15.22 21.15 14.47
C THR C 185 -15.49 22.60 14.01
N SER C 186 -16.10 22.77 12.84
CA SER C 186 -16.49 24.10 12.33
C SER C 186 -17.63 23.97 11.32
N ALA C 187 -18.83 24.37 11.75
CA ALA C 187 -19.99 24.39 10.87
C ALA C 187 -19.74 25.30 9.68
N ALA C 188 -19.16 26.48 9.93
CA ALA C 188 -18.88 27.43 8.85
C ALA C 188 -17.88 26.87 7.79
N ALA C 189 -16.78 26.26 8.22
CA ALA C 189 -15.83 25.70 7.26
C ALA C 189 -16.49 24.59 6.42
N PHE C 190 -17.24 23.70 7.09
CA PHE C 190 -17.91 22.61 6.36
C PHE C 190 -18.89 23.20 5.30
N ALA C 191 -19.71 24.16 5.71
CA ALA C 191 -20.65 24.84 4.80
C ALA C 191 -19.93 25.54 3.65
N ALA C 192 -18.80 26.18 3.91
CA ALA C 192 -18.07 26.86 2.80
C ALA C 192 -17.50 25.82 1.83
N GLY C 193 -17.01 24.69 2.38
CA GLY C 193 -16.50 23.62 1.57
C GLY C 193 -17.55 23.03 0.66
N LEU C 194 -18.72 22.78 1.23
CA LEU C 194 -19.85 22.25 0.49
C LEU C 194 -20.20 23.18 -0.69
N GLN C 195 -20.30 24.48 -0.45
CA GLN C 195 -20.58 25.43 -1.53
C GLN C 195 -19.54 25.32 -2.67
N ARG C 196 -18.27 25.23 -2.30
CA ARG C 196 -17.23 25.13 -3.29
C ARG C 196 -17.30 23.84 -4.08
N GLY C 197 -17.62 22.74 -3.43
CA GLY C 197 -17.66 21.47 -4.10
C GLY C 197 -18.84 21.33 -5.04
N ILE C 198 -19.99 21.77 -4.56
CA ILE C 198 -21.21 21.78 -5.35
C ILE C 198 -21.08 22.58 -6.64
N ASN C 199 -20.31 23.66 -6.61
CA ASN C 199 -20.04 24.45 -7.80
C ASN C 199 -18.83 23.97 -8.58
N ASN C 200 -18.09 23.00 -8.03
CA ASN C 200 -16.98 22.42 -8.76
C ASN C 200 -16.95 20.87 -8.78
N PRO C 201 -17.98 20.22 -9.37
CA PRO C 201 -17.90 18.76 -9.49
C PRO C 201 -16.59 18.31 -10.20
N ALA C 202 -16.09 19.07 -11.17
CA ALA C 202 -14.75 18.88 -11.74
C ALA C 202 -13.75 19.47 -10.72
N VAL C 203 -13.46 18.69 -9.68
CA VAL C 203 -12.95 19.20 -8.41
C VAL C 203 -11.44 19.17 -8.34
N LEU C 204 -10.77 18.59 -9.33
CA LEU C 204 -9.35 18.34 -9.19
C LEU C 204 -8.51 19.57 -8.85
N PRO C 205 -8.73 20.73 -9.55
CA PRO C 205 -7.95 21.93 -9.18
C PRO C 205 -8.17 22.44 -7.78
N GLN C 206 -9.32 22.14 -7.19
CA GLN C 206 -9.69 22.64 -5.87
C GLN C 206 -8.98 21.99 -4.71
N LEU C 207 -8.42 20.80 -4.94
CA LEU C 207 -7.79 20.02 -3.89
C LEU C 207 -6.56 20.74 -3.32
N PHE C 208 -5.64 21.16 -4.17
CA PHE C 208 -4.48 21.91 -3.71
C PHE C 208 -4.85 23.27 -3.10
N GLU C 209 -5.91 23.90 -3.59
CA GLU C 209 -6.31 25.20 -3.05
C GLU C 209 -6.70 25.13 -1.58
N VAL C 210 -7.08 23.93 -1.09
CA VAL C 210 -7.31 23.74 0.33
C VAL C 210 -6.01 24.02 1.09
N ARG C 211 -4.87 23.53 0.61
CA ARG C 211 -3.62 23.85 1.23
C ARG C 211 -3.20 25.31 1.07
N ALA C 212 -3.24 25.81 -0.14
CA ALA C 212 -2.89 27.20 -0.42
C ALA C 212 -3.73 28.14 0.48
N SER C 213 -5.02 27.85 0.64
CA SER C 213 -5.89 28.70 1.49
C SER C 213 -5.37 28.83 2.93
N HIS C 214 -4.95 27.71 3.54
CA HIS C 214 -4.38 27.77 4.88
C HIS C 214 -2.98 28.38 4.90
N VAL C 215 -2.17 28.15 3.87
CA VAL C 215 -0.84 28.79 3.82
C VAL C 215 -0.99 30.32 3.75
N LEU C 216 -1.99 30.82 3.02
CA LEU C 216 -2.15 32.28 2.77
C LEU C 216 -3.07 32.97 3.78
N GLY C 217 -3.51 32.24 4.81
CA GLY C 217 -4.33 32.83 5.87
C GLY C 217 -5.81 32.97 5.53
N ALA C 218 -6.31 32.38 4.44
CA ALA C 218 -7.76 32.46 4.13
C ALA C 218 -8.60 31.34 4.80
N LEU C 219 -7.95 30.29 5.26
CA LEU C 219 -8.64 29.20 5.90
C LEU C 219 -7.85 28.88 7.16
N PRO C 220 -8.50 29.01 8.34
CA PRO C 220 -7.80 28.67 9.58
C PRO C 220 -7.27 27.22 9.57
N ARG C 221 -6.03 27.06 10.00
CA ARG C 221 -5.34 25.77 9.91
C ARG C 221 -6.07 24.63 10.63
N GLU C 222 -6.86 24.96 11.65
N GLU C 222 -6.84 24.99 11.66
CA GLU C 222 -7.63 24.00 12.44
CA GLU C 222 -7.63 24.06 12.46
C GLU C 222 -8.96 23.58 11.77
C GLU C 222 -8.96 23.63 11.81
N GLN C 223 -9.33 24.27 10.70
CA GLN C 223 -10.60 24.00 10.04
C GLN C 223 -10.44 23.34 8.66
N VAL C 224 -9.25 22.89 8.33
CA VAL C 224 -8.98 22.29 7.02
C VAL C 224 -9.75 20.97 6.77
N SER C 225 -9.81 20.13 7.78
CA SER C 225 -10.49 18.85 7.66
C SER C 225 -11.95 19.09 7.38
N GLU C 226 -12.57 20.05 8.08
CA GLU C 226 -13.97 20.38 7.86
C GLU C 226 -14.24 20.92 6.45
N PHE C 227 -13.41 21.85 5.99
CA PHE C 227 -13.61 22.40 4.67
C PHE C 227 -13.45 21.32 3.61
N LEU C 228 -12.42 20.49 3.78
CA LEU C 228 -12.12 19.45 2.79
C LEU C 228 -13.28 18.46 2.71
N SER C 229 -13.91 18.17 3.84
CA SER C 229 -15.01 17.23 3.84
C SER C 229 -16.19 17.82 3.05
N GLY C 230 -16.53 19.08 3.35
CA GLY C 230 -17.56 19.81 2.58
C GLY C 230 -17.24 19.83 1.09
N LEU C 231 -15.99 20.11 0.76
CA LEU C 231 -15.55 20.11 -0.65
C LEU C 231 -15.81 18.78 -1.35
N LEU C 232 -15.43 17.69 -0.71
CA LEU C 232 -15.54 16.36 -1.34
C LEU C 232 -16.98 15.85 -1.41
N ILE C 233 -17.73 16.01 -0.33
CA ILE C 233 -19.14 15.60 -0.30
C ILE C 233 -19.91 16.43 -1.30
N GLY C 234 -19.61 17.73 -1.38
CA GLY C 234 -20.31 18.64 -2.29
C GLY C 234 -20.06 18.29 -3.77
N ALA C 235 -18.81 18.01 -4.09
CA ALA C 235 -18.47 17.65 -5.45
C ALA C 235 -19.10 16.31 -5.81
N GLU C 236 -19.13 15.38 -4.86
CA GLU C 236 -19.78 14.09 -5.05
C GLU C 236 -21.26 14.28 -5.42
N VAL C 237 -22.03 14.92 -4.56
CA VAL C 237 -23.44 15.09 -4.79
C VAL C 237 -23.73 15.87 -6.09
N ALA C 238 -22.93 16.88 -6.44
CA ALA C 238 -23.18 17.64 -7.69
C ALA C 238 -22.77 16.79 -8.88
N THR C 239 -21.86 15.84 -8.69
CA THR C 239 -21.48 14.98 -9.82
C THR C 239 -22.60 14.01 -10.21
N LEU C 240 -23.25 13.40 -9.22
CA LEU C 240 -24.13 12.27 -9.46
C LEU C 240 -25.64 12.57 -9.36
N SER C 241 -26.01 13.73 -8.82
CA SER C 241 -27.39 14.01 -8.50
C SER C 241 -28.31 13.96 -9.74
N ASP C 242 -27.84 14.46 -10.88
CA ASP C 242 -28.62 14.42 -12.15
C ASP C 242 -28.77 13.02 -12.74
N THR C 243 -27.68 12.24 -12.76
CA THR C 243 -27.74 10.80 -13.09
C THR C 243 -28.54 9.92 -12.09
N PHE C 244 -28.74 10.39 -10.87
CA PHE C 244 -29.49 9.59 -9.92
C PHE C 244 -30.74 10.36 -9.49
N ALA C 245 -31.51 10.84 -10.49
CA ALA C 245 -32.81 11.50 -10.31
C ALA C 245 -33.99 10.54 -10.00
N GLY C 246 -35.06 11.11 -9.47
CA GLY C 246 -36.19 10.32 -9.07
C GLY C 246 -37.29 11.22 -8.55
N GLN C 247 -38.54 10.82 -8.81
CA GLN C 247 -39.69 11.38 -8.12
C GLN C 247 -39.63 10.99 -6.62
N GLN C 248 -39.34 9.73 -6.30
CA GLN C 248 -39.23 9.30 -4.89
C GLN C 248 -37.97 9.92 -4.25
N ALA C 249 -38.12 10.31 -2.97
CA ALA C 249 -37.02 10.83 -2.16
C ALA C 249 -35.91 9.78 -2.08
N ILE C 250 -34.66 10.25 -2.09
CA ILE C 250 -33.50 9.39 -2.03
C ILE C 250 -33.54 8.76 -0.66
N SER C 251 -33.35 7.44 -0.55
CA SER C 251 -33.14 6.85 0.77
C SER C 251 -31.62 6.93 1.06
N LEU C 252 -31.28 7.73 2.05
CA LEU C 252 -29.92 7.91 2.49
C LEU C 252 -29.70 6.96 3.67
N VAL C 253 -28.73 6.06 3.52
CA VAL C 253 -28.53 4.93 4.42
C VAL C 253 -27.12 5.07 5.05
N ALA C 254 -27.09 5.50 6.31
CA ALA C 254 -25.86 5.84 7.00
C ALA C 254 -26.08 6.02 8.50
N GLY C 255 -24.97 6.18 9.25
CA GLY C 255 -25.03 6.56 10.67
C GLY C 255 -25.54 7.99 10.78
N SER C 256 -25.94 8.42 11.98
CA SER C 256 -26.64 9.71 12.08
C SER C 256 -25.71 10.89 11.78
N SER C 257 -24.44 10.80 12.16
CA SER C 257 -23.51 11.89 11.89
C SER C 257 -23.32 12.19 10.39
N LEU C 258 -23.05 11.16 9.62
CA LEU C 258 -22.82 11.27 8.18
C LEU C 258 -24.14 11.55 7.43
N THR C 259 -25.23 10.98 7.92
CA THR C 259 -26.56 11.31 7.42
C THR C 259 -26.82 12.83 7.46
N SER C 260 -26.52 13.46 8.60
N SER C 260 -26.55 13.48 8.59
CA SER C 260 -26.70 14.90 8.76
CA SER C 260 -26.80 14.94 8.66
C SER C 260 -25.89 15.70 7.72
C SER C 260 -25.90 15.74 7.70
N ARG C 261 -24.65 15.29 7.52
CA ARG C 261 -23.75 15.95 6.56
C ARG C 261 -24.24 15.82 5.11
N TYR C 262 -24.69 14.64 4.72
CA TYR C 262 -25.19 14.43 3.36
C TYR C 262 -26.56 15.12 3.17
N GLN C 263 -27.41 15.10 4.19
CA GLN C 263 -28.67 15.84 4.11
C GLN C 263 -28.41 17.32 3.83
N GLN C 264 -27.40 17.88 4.48
CA GLN C 264 -27.04 19.26 4.27
C GLN C 264 -26.56 19.48 2.80
N ALA C 265 -25.73 18.59 2.28
CA ALA C 265 -25.30 18.64 0.88
C ALA C 265 -26.49 18.54 -0.10
N PHE C 266 -27.40 17.60 0.13
CA PHE C 266 -28.58 17.47 -0.73
C PHE C 266 -29.50 18.70 -0.66
N ALA C 267 -29.67 19.27 0.53
CA ALA C 267 -30.49 20.48 0.69
C ALA C 267 -29.88 21.63 -0.09
N ALA C 268 -28.56 21.70 -0.13
CA ALA C 268 -27.85 22.78 -0.81
C ALA C 268 -28.01 22.74 -2.33
N ILE C 269 -28.43 21.59 -2.87
CA ILE C 269 -28.76 21.48 -4.31
C ILE C 269 -30.27 21.22 -4.51
N GLY C 270 -31.08 21.63 -3.53
CA GLY C 270 -32.53 21.44 -3.53
C GLY C 270 -33.07 20.03 -3.70
N ARG C 271 -32.44 19.02 -3.09
CA ARG C 271 -33.00 17.67 -3.15
C ARG C 271 -33.43 17.10 -1.79
N GLU C 272 -34.42 16.19 -1.86
CA GLU C 272 -35.13 15.66 -0.69
C GLU C 272 -34.65 14.24 -0.40
N VAL C 273 -34.46 13.92 0.87
CA VAL C 273 -34.00 12.62 1.30
C VAL C 273 -34.84 12.06 2.45
N SER C 274 -34.95 10.74 2.55
CA SER C 274 -35.44 10.05 3.73
C SER C 274 -34.28 9.33 4.42
N ALA C 275 -33.96 9.69 5.65
CA ALA C 275 -32.89 9.02 6.40
C ALA C 275 -33.32 7.61 6.82
N VAL C 276 -32.43 6.65 6.59
CA VAL C 276 -32.56 5.29 7.11
C VAL C 276 -31.27 5.00 7.89
N ALA C 277 -31.39 4.64 9.17
CA ALA C 277 -30.21 4.34 9.97
C ALA C 277 -29.49 3.11 9.40
N GLY C 278 -28.18 3.25 9.22
CA GLY C 278 -27.36 2.16 8.64
C GLY C 278 -27.41 0.84 9.40
N ASP C 279 -27.37 0.92 10.72
CA ASP C 279 -27.41 -0.27 11.60
C ASP C 279 -28.76 -1.02 11.49
N THR C 280 -29.84 -0.27 11.44
CA THR C 280 -31.17 -0.85 11.29
C THR C 280 -31.30 -1.51 9.93
N ALA C 281 -30.82 -0.83 8.87
CA ALA C 281 -30.88 -1.36 7.52
C ALA C 281 -30.08 -2.67 7.43
N PHE C 282 -28.92 -2.69 8.08
CA PHE C 282 -28.13 -3.89 8.12
C PHE C 282 -28.93 -5.06 8.73
N GLN C 283 -29.46 -4.87 9.94
CA GLN C 283 -30.12 -5.95 10.68
C GLN C 283 -31.40 -6.41 9.99
N THR C 284 -32.16 -5.48 9.41
CA THR C 284 -33.37 -5.81 8.62
C THR C 284 -33.00 -6.66 7.41
N GLY C 285 -31.92 -6.30 6.74
CA GLY C 285 -31.46 -7.11 5.61
C GLY C 285 -30.95 -8.51 6.00
N ILE C 286 -30.13 -8.59 7.05
CA ILE C 286 -29.67 -9.91 7.53
C ILE C 286 -30.89 -10.76 7.89
N ARG C 287 -31.87 -10.13 8.56
CA ARG C 287 -33.12 -10.81 8.95
C ARG C 287 -33.89 -11.38 7.75
N SER C 288 -34.02 -10.61 6.67
CA SER C 288 -34.74 -11.09 5.47
C SER C 288 -34.01 -12.28 4.88
N ILE C 289 -32.68 -12.31 5.00
CA ILE C 289 -31.88 -13.43 4.47
C ILE C 289 -32.07 -14.67 5.35
N ALA C 290 -31.97 -14.47 6.66
CA ALA C 290 -32.23 -15.52 7.67
C ALA C 290 -33.61 -16.18 7.52
N TYR C 291 -34.62 -15.38 7.17
CA TYR C 291 -35.95 -15.88 6.83
C TYR C 291 -35.86 -16.89 5.66
N ALA C 292 -35.26 -16.48 4.54
CA ALA C 292 -35.14 -17.34 3.33
C ALA C 292 -34.46 -18.68 3.62
N VAL C 293 -33.44 -18.66 4.49
CA VAL C 293 -32.69 -19.85 4.90
C VAL C 293 -33.57 -20.81 5.72
N ALA C 294 -34.24 -20.28 6.74
CA ALA C 294 -35.09 -21.05 7.64
C ALA C 294 -36.35 -21.59 6.94
N ASN C 295 -36.98 -20.76 6.10
CA ASN C 295 -38.23 -21.16 5.40
C ASN C 295 -37.99 -21.67 3.98
N THR D 5 26.70 36.46 -20.80
CA THR D 5 28.01 35.95 -21.24
C THR D 5 29.04 35.67 -20.10
N ALA D 6 28.76 36.14 -18.88
CA ALA D 6 29.69 35.99 -17.74
C ALA D 6 29.34 34.82 -16.80
N ARG D 7 30.09 34.69 -15.70
CA ARG D 7 29.98 33.53 -14.82
C ARG D 7 28.89 33.64 -13.78
N TYR D 8 28.27 32.50 -13.46
CA TYR D 8 27.29 32.41 -12.38
C TYR D 8 27.15 30.95 -11.90
N ILE D 9 26.56 30.80 -10.73
CA ILE D 9 26.27 29.49 -10.17
C ILE D 9 24.74 29.36 -10.03
N ALA D 10 24.19 28.27 -10.57
CA ALA D 10 22.76 27.97 -10.49
C ALA D 10 22.59 26.88 -9.47
N ILE D 11 21.59 27.02 -8.60
CA ILE D 11 21.27 26.05 -7.55
C ILE D 11 19.78 25.69 -7.60
N ASP D 12 19.47 24.40 -7.62
CA ASP D 12 18.10 23.93 -7.41
C ASP D 12 18.09 23.21 -6.10
N TRP D 13 17.51 23.83 -5.07
CA TRP D 13 17.63 23.32 -3.72
C TRP D 13 16.29 22.99 -3.12
N GLY D 14 15.95 21.69 -3.17
CA GLY D 14 14.69 21.21 -2.65
C GLY D 14 14.75 20.61 -1.26
N SER D 15 13.71 19.91 -0.89
CA SER D 15 13.61 19.36 0.46
C SER D 15 14.60 18.25 0.73
N THR D 16 14.86 17.43 -0.29
CA THR D 16 15.60 16.20 -0.14
C THR D 16 16.74 16.04 -1.17
N ASN D 17 17.02 17.11 -1.91
CA ASN D 17 18.00 17.08 -3.00
C ASN D 17 18.58 18.47 -3.18
N LEU D 18 19.85 18.54 -3.56
CA LEU D 18 20.53 19.78 -3.93
C LEU D 18 21.38 19.55 -5.18
N ARG D 19 21.22 20.43 -6.17
CA ARG D 19 21.98 20.38 -7.39
C ARG D 19 22.56 21.77 -7.65
N ALA D 20 23.78 21.79 -8.17
CA ALA D 20 24.50 23.03 -8.43
C ALA D 20 25.16 22.91 -9.78
N TRP D 21 25.20 24.02 -10.52
CA TRP D 21 25.85 24.05 -11.84
C TRP D 21 26.69 25.31 -11.90
N LEU D 22 27.92 25.20 -12.41
CA LEU D 22 28.74 26.38 -12.71
C LEU D 22 28.67 26.66 -14.21
N TYR D 23 28.18 27.85 -14.56
CA TYR D 23 28.07 28.23 -15.96
C TYR D 23 29.01 29.39 -16.30
N GLN D 24 29.52 29.36 -17.53
CA GLN D 24 30.10 30.55 -18.18
C GLN D 24 29.19 30.91 -19.34
N GLY D 25 28.37 31.93 -19.14
CA GLY D 25 27.31 32.23 -20.09
C GLY D 25 26.37 31.05 -20.20
N GLU D 26 26.21 30.53 -21.41
CA GLU D 26 25.39 29.36 -21.69
C GLU D 26 26.13 28.02 -21.58
N GLU D 27 27.43 28.07 -21.29
CA GLU D 27 28.26 26.86 -21.23
C GLU D 27 28.36 26.33 -19.79
N CYS D 28 27.94 25.08 -19.58
CA CYS D 28 27.99 24.47 -18.27
C CYS D 28 29.39 23.92 -17.99
N LEU D 29 30.16 24.64 -17.18
CA LEU D 29 31.53 24.25 -16.90
C LEU D 29 31.57 22.97 -16.04
N GLU D 30 30.61 22.80 -15.13
CA GLU D 30 30.58 21.60 -14.26
C GLU D 30 29.23 21.50 -13.55
N SER D 31 28.88 20.29 -13.09
CA SER D 31 27.68 20.14 -12.25
C SER D 31 27.96 19.25 -11.06
N ARG D 32 27.28 19.51 -9.94
CA ARG D 32 27.41 18.70 -8.75
C ARG D 32 26.06 18.45 -8.07
N GLN D 33 25.95 17.28 -7.45
CA GLN D 33 24.75 16.85 -6.75
C GLN D 33 25.04 16.50 -5.29
N SER D 34 24.02 16.66 -4.44
CA SER D 34 24.10 16.31 -3.02
C SER D 34 22.78 15.68 -2.55
N GLU D 35 22.87 14.73 -1.61
CA GLU D 35 21.69 14.23 -0.86
C GLU D 35 21.24 15.22 0.25
N ALA D 36 21.89 16.39 0.37
CA ALA D 36 21.64 17.35 1.47
C ALA D 36 20.60 18.41 1.14
N GLY D 37 19.36 17.98 0.96
CA GLY D 37 18.23 18.90 0.85
C GLY D 37 18.02 19.65 2.16
N VAL D 38 17.13 20.65 2.13
CA VAL D 38 16.97 21.55 3.28
C VAL D 38 16.33 20.92 4.54
N THR D 39 15.52 19.87 4.37
CA THR D 39 14.88 19.13 5.50
C THR D 39 15.80 17.99 5.95
N ARG D 40 17.02 18.03 5.45
CA ARG D 40 17.94 16.93 5.47
C ARG D 40 19.34 17.42 5.79
N LEU D 41 19.43 18.50 6.56
CA LEU D 41 20.74 19.14 6.76
C LEU D 41 21.62 18.36 7.75
N ASN D 42 20.97 17.70 8.71
CA ASN D 42 21.67 16.96 9.75
C ASN D 42 22.45 17.95 10.62
N GLY D 43 21.82 19.10 10.90
CA GLY D 43 22.40 20.14 11.75
C GLY D 43 23.60 20.90 11.17
N ARG D 44 23.86 20.75 9.87
CA ARG D 44 24.83 21.60 9.20
C ARG D 44 24.09 22.87 8.79
N SER D 45 24.79 23.99 8.77
CA SER D 45 24.19 25.26 8.37
C SER D 45 23.99 25.20 6.87
N PRO D 46 22.93 25.83 6.36
CA PRO D 46 22.82 25.86 4.91
C PRO D 46 24.03 26.56 4.26
N ALA D 47 24.59 27.58 4.93
CA ALA D 47 25.77 28.30 4.45
C ALA D 47 26.95 27.35 4.19
N ALA D 48 27.25 26.52 5.19
CA ALA D 48 28.35 25.55 5.07
C ALA D 48 28.10 24.49 3.99
N VAL D 49 26.85 24.03 3.87
CA VAL D 49 26.46 23.09 2.79
C VAL D 49 26.68 23.71 1.39
N LEU D 50 26.27 24.97 1.21
CA LEU D 50 26.45 25.68 -0.05
C LEU D 50 27.95 25.92 -0.34
N ALA D 51 28.71 26.29 0.69
CA ALA D 51 30.16 26.47 0.57
C ALA D 51 30.88 25.23 0.01
N GLU D 52 30.56 24.04 0.56
CA GLU D 52 31.14 22.77 0.09
C GLU D 52 30.78 22.43 -1.36
N ILE D 53 29.50 22.55 -1.72
CA ILE D 53 29.09 22.19 -3.09
C ILE D 53 29.64 23.16 -4.15
N THR D 54 29.91 24.41 -3.75
CA THR D 54 30.42 25.45 -4.65
C THR D 54 31.92 25.75 -4.45
N GLN D 55 32.61 24.96 -3.63
CA GLN D 55 34.02 25.25 -3.35
C GLN D 55 34.86 25.12 -4.62
N HIS D 56 35.84 26.02 -4.75
CA HIS D 56 36.71 26.15 -5.93
C HIS D 56 36.03 26.77 -7.17
N TRP D 57 34.73 27.09 -7.08
CA TRP D 57 34.01 27.73 -8.19
C TRP D 57 33.84 29.23 -8.02
N ARG D 58 34.10 29.76 -6.82
CA ARG D 58 33.73 31.13 -6.50
C ARG D 58 34.91 32.09 -6.58
N ASP D 59 34.67 33.26 -7.18
CA ASP D 59 35.58 34.41 -7.14
C ASP D 59 34.80 35.62 -6.58
N GLY D 60 35.28 36.83 -6.84
CA GLY D 60 34.63 38.07 -6.35
C GLY D 60 33.28 38.43 -6.96
N ALA D 61 33.11 38.16 -8.26
CA ALA D 61 31.91 38.55 -9.00
C ALA D 61 31.16 37.35 -9.62
N THR D 62 31.06 36.25 -8.86
CA THR D 62 30.27 35.08 -9.27
C THR D 62 29.04 34.99 -8.37
N PRO D 63 27.89 35.51 -8.83
CA PRO D 63 26.66 35.37 -8.06
C PRO D 63 26.18 33.90 -8.00
N VAL D 64 25.57 33.53 -6.87
CA VAL D 64 24.89 32.25 -6.70
C VAL D 64 23.39 32.55 -6.64
N VAL D 65 22.62 31.94 -7.54
CA VAL D 65 21.19 32.22 -7.66
C VAL D 65 20.45 30.88 -7.42
N ALA D 67 16.91 28.46 -6.54
CA ALA D 67 15.47 28.23 -6.63
C ALA D 67 15.06 27.13 -5.65
N GLY D 68 13.79 27.14 -5.26
CA GLY D 68 13.21 26.03 -4.54
C GLY D 68 12.94 26.26 -3.06
N VAL D 70 14.65 26.15 -0.50
CA VAL D 70 15.65 26.93 0.23
C VAL D 70 15.07 28.30 0.64
N GLY D 71 14.07 28.77 -0.11
CA GLY D 71 13.29 29.98 0.21
C GLY D 71 11.95 29.77 0.93
N SER D 72 11.64 28.51 1.30
CA SER D 72 10.46 28.19 2.12
C SER D 72 10.76 28.38 3.62
N ASN D 73 9.73 28.21 4.44
CA ASN D 73 9.87 28.34 5.88
C ASN D 73 10.65 27.20 6.55
N VAL D 74 10.91 26.09 5.85
CA VAL D 74 11.85 25.08 6.36
C VAL D 74 13.22 25.22 5.68
N GLY D 75 13.44 26.34 4.99
CA GLY D 75 14.71 26.56 4.29
C GLY D 75 15.67 27.46 5.06
N TRP D 76 16.59 28.05 4.31
CA TRP D 76 17.59 28.99 4.81
C TRP D 76 16.91 30.25 5.30
N LYS D 77 16.19 30.92 4.41
CA LYS D 77 15.50 32.17 4.74
C LYS D 77 14.27 32.28 3.86
N ILE D 78 13.14 32.70 4.42
CA ILE D 78 11.91 32.87 3.61
C ILE D 78 12.11 33.92 2.51
N ALA D 79 11.79 33.54 1.28
CA ALA D 79 11.65 34.50 0.19
C ALA D 79 10.17 34.61 -0.05
N PRO D 80 9.53 35.66 0.53
CA PRO D 80 8.06 35.68 0.52
C PRO D 80 7.50 35.62 -0.90
N TYR D 81 6.39 34.90 -1.08
CA TYR D 81 5.76 34.77 -2.38
C TYR D 81 5.45 36.15 -2.98
N LEU D 82 5.64 36.30 -4.28
CA LEU D 82 5.28 37.52 -4.97
C LEU D 82 3.87 37.36 -5.45
N PRO D 83 2.97 38.25 -5.03
CA PRO D 83 1.56 38.12 -5.46
C PRO D 83 1.31 38.56 -6.89
N LEU D 84 0.42 37.84 -7.59
CA LEU D 84 0.05 38.15 -8.96
C LEU D 84 -1.11 39.11 -8.95
N PRO D 85 -1.22 39.96 -10.01
CA PRO D 85 -0.34 40.03 -11.18
C PRO D 85 1.07 40.59 -10.90
N ALA D 86 2.07 39.98 -11.52
CA ALA D 86 3.47 40.41 -11.41
C ALA D 86 4.13 40.37 -12.79
N ALA D 87 5.10 41.26 -13.02
CA ALA D 87 5.85 41.25 -14.27
C ALA D 87 6.87 40.12 -14.23
N PHE D 88 7.11 39.51 -15.37
CA PHE D 88 8.20 38.56 -15.44
C PHE D 88 9.48 39.21 -14.86
N SER D 89 9.72 40.48 -15.20
CA SER D 89 10.91 41.21 -14.73
C SER D 89 11.02 41.43 -13.19
N ASP D 90 9.90 41.29 -12.47
CA ASP D 90 9.86 41.52 -11.01
C ASP D 90 10.61 40.45 -10.18
N ILE D 91 10.57 39.20 -10.64
CA ILE D 91 11.19 38.11 -9.90
C ILE D 91 12.69 38.41 -9.70
N GLY D 92 13.35 38.78 -10.77
CA GLY D 92 14.80 39.05 -10.75
C GLY D 92 15.18 40.30 -9.99
N GLN D 93 14.18 41.15 -9.71
CA GLN D 93 14.39 42.36 -8.95
C GLN D 93 13.88 42.27 -7.50
N GLN D 94 13.28 41.15 -7.12
CA GLN D 94 12.81 41.00 -5.75
C GLN D 94 13.34 39.71 -5.13
N LEU D 95 14.63 39.47 -5.37
CA LEU D 95 15.37 38.39 -4.80
C LEU D 95 15.62 38.64 -3.33
N THR D 96 15.66 37.58 -2.53
CA THR D 96 16.01 37.66 -1.11
C THR D 96 17.52 37.39 -0.99
N ALA D 97 18.25 38.34 -0.39
CA ALA D 97 19.69 38.21 -0.16
C ALA D 97 19.92 37.43 1.12
N VAL D 98 20.86 36.50 1.05
CA VAL D 98 21.32 35.78 2.24
C VAL D 98 22.77 36.16 2.56
N GLY D 99 23.26 37.19 1.86
CA GLY D 99 24.60 37.71 2.06
C GLY D 99 25.58 37.20 1.00
N ASP D 100 26.57 38.03 0.68
CA ASP D 100 27.73 37.60 -0.14
C ASP D 100 27.39 37.29 -1.62
N ASN D 101 26.50 38.06 -2.21
CA ASN D 101 26.10 37.83 -3.59
C ASN D 101 25.48 36.41 -3.75
N ILE D 102 24.73 35.96 -2.73
CA ILE D 102 23.95 34.71 -2.77
C ILE D 102 22.48 35.11 -2.66
N TRP D 103 21.67 34.69 -3.66
CA TRP D 103 20.28 35.13 -3.79
C TRP D 103 19.27 33.98 -3.90
N ILE D 104 18.06 34.22 -3.42
CA ILE D 104 16.99 33.25 -3.49
C ILE D 104 15.83 33.83 -4.31
N ILE D 105 15.35 33.07 -5.28
CA ILE D 105 14.20 33.42 -6.11
C ILE D 105 12.92 33.14 -5.31
N PRO D 106 12.03 34.13 -5.18
CA PRO D 106 10.77 33.88 -4.49
C PRO D 106 9.76 33.14 -5.35
N GLY D 107 8.77 32.55 -4.68
CA GLY D 107 7.68 31.86 -5.34
C GLY D 107 6.66 32.90 -5.69
N LEU D 108 5.51 32.46 -6.20
CA LEU D 108 4.42 33.33 -6.63
C LEU D 108 3.17 32.86 -5.92
N CYS D 109 2.22 33.77 -5.74
CA CYS D 109 0.97 33.40 -5.11
C CYS D 109 -0.18 34.17 -5.69
N VAL D 110 -1.36 33.63 -5.51
CA VAL D 110 -2.60 34.29 -5.89
C VAL D 110 -3.53 34.10 -4.72
N SER D 111 -4.33 35.11 -4.43
CA SER D 111 -5.23 35.05 -3.29
C SER D 111 -6.43 35.94 -3.51
N ARG D 112 -7.55 35.32 -3.79
CA ARG D 112 -8.81 36.03 -3.95
C ARG D 112 -9.89 35.00 -3.69
N ASP D 113 -11.15 35.43 -3.69
N ASP D 113 -11.15 35.43 -3.65
CA ASP D 113 -12.27 34.57 -3.24
CA ASP D 113 -12.27 34.57 -3.27
C ASP D 113 -12.37 33.24 -3.97
C ASP D 113 -12.19 33.21 -3.94
N ASP D 114 -12.11 33.21 -5.27
CA ASP D 114 -12.21 31.95 -6.02
C ASP D 114 -10.87 31.26 -6.41
N ASN D 115 -9.75 31.70 -5.86
CA ASN D 115 -8.44 31.15 -6.20
C ASN D 115 -7.44 31.50 -5.12
N HIS D 116 -7.04 30.48 -4.35
CA HIS D 116 -5.89 30.58 -3.48
C HIS D 116 -4.87 29.58 -3.98
N ASN D 117 -3.64 30.07 -4.24
CA ASN D 117 -2.64 29.24 -4.87
C ASN D 117 -1.22 29.75 -4.60
N VAL D 118 -0.27 28.83 -4.54
CA VAL D 118 1.14 29.16 -4.37
C VAL D 118 1.99 28.25 -5.24
N ARG D 120 6.47 27.40 -5.66
CA ARG D 120 7.86 27.73 -5.30
C ARG D 120 8.88 26.85 -6.05
N GLY D 121 9.45 27.38 -7.13
CA GLY D 121 10.34 26.61 -8.00
C GLY D 121 9.93 26.74 -9.46
N GLU D 122 8.65 26.50 -9.72
CA GLU D 122 8.12 26.56 -11.09
C GLU D 122 8.17 27.95 -11.70
N GLU D 123 8.22 29.02 -10.89
CA GLU D 123 8.41 30.37 -11.46
C GLU D 123 9.71 30.49 -12.28
N THR D 124 10.77 29.78 -11.89
CA THR D 124 12.06 29.82 -12.58
C THR D 124 11.98 29.12 -13.95
N GLN D 125 11.29 27.98 -14.02
CA GLN D 125 10.99 27.32 -15.30
C GLN D 125 10.10 28.20 -16.20
N LEU D 126 9.20 28.97 -15.58
CA LEU D 126 8.23 29.82 -16.29
C LEU D 126 8.94 30.97 -17.02
N LEU D 127 9.82 31.60 -16.27
CA LEU D 127 10.74 32.61 -16.82
C LEU D 127 11.47 32.06 -18.04
N GLY D 128 12.01 30.85 -17.96
CA GLY D 128 12.71 30.25 -19.09
C GLY D 128 11.76 29.95 -20.24
N ALA D 129 10.63 29.33 -19.93
CA ALA D 129 9.67 28.97 -20.97
C ALA D 129 9.16 30.21 -21.69
N ARG D 130 9.00 31.32 -20.96
CA ARG D 130 8.61 32.59 -21.59
C ARG D 130 9.64 33.03 -22.63
N ALA D 131 10.92 32.87 -22.33
CA ALA D 131 11.96 33.11 -23.31
C ALA D 131 11.95 32.10 -24.45
N LEU D 132 11.82 30.81 -24.14
CA LEU D 132 12.06 29.75 -25.15
C LEU D 132 10.86 29.46 -26.06
N ALA D 133 9.64 29.57 -25.53
CA ALA D 133 8.42 29.32 -26.33
C ALA D 133 7.28 30.16 -25.74
N PRO D 134 7.28 31.47 -26.02
CA PRO D 134 6.25 32.32 -25.39
C PRO D 134 4.83 31.88 -25.76
N SER D 135 3.92 31.99 -24.80
CA SER D 135 2.54 31.65 -25.07
C SER D 135 1.63 32.35 -24.09
N SER D 136 0.32 32.28 -24.31
CA SER D 136 -0.64 32.83 -23.35
C SER D 136 -0.81 31.88 -22.16
N VAL D 137 -0.53 30.60 -22.35
CA VAL D 137 -0.73 29.60 -21.28
C VAL D 137 0.47 28.67 -21.17
N TYR D 138 0.94 28.45 -19.95
CA TYR D 138 1.99 27.49 -19.69
C TYR D 138 1.47 26.38 -18.81
N VAL D 139 1.75 25.13 -19.20
CA VAL D 139 1.44 23.96 -18.38
C VAL D 139 2.70 23.23 -17.99
N PRO D 141 3.70 20.19 -15.81
CA PRO D 141 3.26 19.03 -15.04
C PRO D 141 4.24 18.40 -14.05
N GLY D 142 3.71 17.62 -13.12
CA GLY D 142 4.55 16.90 -12.17
C GLY D 142 3.71 16.45 -11.03
N THR D 143 4.34 16.37 -9.86
CA THR D 143 3.64 16.07 -8.62
C THR D 143 2.50 17.04 -8.41
N HIS D 144 2.79 18.31 -8.66
CA HIS D 144 1.80 19.38 -8.55
C HIS D 144 1.88 20.29 -9.78
N CYS D 145 1.05 19.98 -10.78
CA CYS D 145 1.07 20.66 -12.05
CA CYS D 145 1.06 20.66 -12.06
C CYS D 145 0.56 22.09 -11.94
N LYS D 146 1.28 23.02 -12.52
CA LYS D 146 0.89 24.43 -12.55
C LYS D 146 0.44 24.79 -13.98
N TRP D 147 -0.73 25.39 -14.07
CA TRP D 147 -1.21 25.98 -15.29
C TRP D 147 -1.19 27.52 -15.11
N VAL D 148 -0.53 28.22 -16.02
CA VAL D 148 -0.22 29.65 -15.86
C VAL D 148 -0.78 30.44 -17.05
N LEU D 149 -1.50 31.50 -16.74
CA LEU D 149 -1.97 32.43 -17.73
C LEU D 149 -1.08 33.65 -17.65
N ALA D 150 -0.51 34.05 -18.78
CA ALA D 150 0.29 35.25 -18.86
C ALA D 150 0.08 35.91 -20.24
N ASP D 151 0.70 37.08 -20.42
CA ASP D 151 0.82 37.71 -21.74
C ASP D 151 2.31 38.02 -21.93
N ARG D 152 2.68 39.03 -22.71
CA ARG D 152 4.09 39.27 -23.00
C ARG D 152 4.87 39.75 -21.80
N ARG D 153 4.23 40.51 -20.93
CA ARG D 153 4.95 41.12 -19.80
C ARG D 153 4.51 40.67 -18.40
N GLN D 154 3.24 40.28 -18.26
CA GLN D 154 2.61 40.04 -16.95
C GLN D 154 2.21 38.57 -16.77
N ILE D 155 2.48 38.07 -15.57
CA ILE D 155 1.94 36.80 -15.09
C ILE D 155 0.62 37.12 -14.39
N HIS D 156 -0.49 36.68 -14.95
CA HIS D 156 -1.83 37.04 -14.44
C HIS D 156 -2.46 36.12 -13.42
N ASP D 157 -2.36 34.82 -13.60
CA ASP D 157 -3.10 33.83 -12.79
C ASP D 157 -2.47 32.45 -12.95
N PHE D 158 -2.80 31.55 -12.03
CA PHE D 158 -2.42 30.14 -12.17
C PHE D 158 -3.31 29.25 -11.34
N ARG D 159 -3.39 27.98 -11.75
CA ARG D 159 -4.04 26.93 -10.99
C ARG D 159 -3.06 25.77 -10.78
N THR D 160 -3.35 24.95 -9.79
CA THR D 160 -2.55 23.78 -9.46
C THR D 160 -3.46 22.56 -9.46
N VAL D 161 -3.02 21.48 -10.12
CA VAL D 161 -3.71 20.18 -10.06
C VAL D 161 -2.71 19.13 -9.56
N LEU D 162 -3.10 18.35 -8.57
CA LEU D 162 -2.22 17.46 -7.87
C LEU D 162 -2.18 16.13 -8.58
N THR D 163 -1.82 16.16 -9.85
CA THR D 163 -1.87 14.96 -10.67
C THR D 163 -0.89 13.86 -10.26
N GLY D 164 0.40 14.17 -10.18
CA GLY D 164 1.36 13.15 -9.74
C GLY D 164 1.09 12.68 -8.32
N GLU D 165 0.79 13.62 -7.43
CA GLU D 165 0.60 13.27 -6.03
C GLU D 165 -0.61 12.37 -5.86
N LEU D 166 -1.74 12.70 -6.49
CA LEU D 166 -2.93 11.87 -6.39
C LEU D 166 -2.71 10.50 -7.09
N HIS D 167 -1.96 10.50 -8.19
CA HIS D 167 -1.63 9.22 -8.84
C HIS D 167 -0.92 8.27 -7.85
N HIS D 168 0.08 8.79 -7.18
CA HIS D 168 0.86 7.98 -6.21
C HIS D 168 0.00 7.54 -5.06
N LEU D 169 -0.78 8.48 -4.52
CA LEU D 169 -1.66 8.19 -3.39
C LEU D 169 -2.69 7.13 -3.73
N LEU D 170 -3.34 7.23 -4.88
CA LEU D 170 -4.38 6.26 -5.23
C LEU D 170 -3.79 4.89 -5.57
N LEU D 171 -2.69 4.88 -6.33
CA LEU D 171 -2.03 3.63 -6.67
C LEU D 171 -1.42 2.94 -5.45
N GLN D 172 -0.68 3.67 -4.63
CA GLN D 172 0.21 3.02 -3.66
C GLN D 172 -0.21 3.18 -2.22
N LEU D 173 -1.07 4.14 -1.96
CA LEU D 173 -1.46 4.46 -0.57
C LEU D 173 -2.96 4.17 -0.28
N SER D 174 -3.71 3.71 -1.28
CA SER D 174 -5.16 3.56 -1.16
C SER D 174 -5.63 2.18 -1.59
N LEU D 175 -6.92 1.94 -1.29
CA LEU D 175 -7.56 0.64 -1.55
C LEU D 175 -7.66 0.42 -3.07
N VAL D 176 -7.60 1.51 -3.86
CA VAL D 176 -7.57 1.42 -5.32
C VAL D 176 -6.39 0.59 -5.83
N GLY D 177 -5.21 0.78 -5.25
CA GLY D 177 -4.08 -0.03 -5.69
C GLY D 177 -3.71 -1.24 -4.84
N ALA D 178 -4.56 -1.59 -3.88
CA ALA D 178 -4.19 -2.60 -2.85
C ALA D 178 -4.25 -3.97 -3.51
N GLY D 179 -3.28 -4.83 -3.16
CA GLY D 179 -3.27 -6.23 -3.64
C GLY D 179 -2.51 -6.45 -4.94
N LEU D 180 -2.05 -5.37 -5.57
CA LEU D 180 -1.57 -5.40 -6.95
C LEU D 180 -0.09 -5.83 -7.07
N PRO D 181 0.28 -6.41 -8.23
CA PRO D 181 1.67 -6.80 -8.53
C PRO D 181 2.47 -5.63 -8.97
N PRO D 182 3.78 -5.82 -9.21
CA PRO D 182 4.56 -4.78 -9.89
C PRO D 182 3.89 -4.35 -11.20
N GLN D 183 3.93 -3.03 -11.46
CA GLN D 183 3.29 -2.39 -12.61
C GLN D 183 4.16 -2.36 -13.84
N GLU D 184 3.54 -2.47 -15.00
CA GLU D 184 4.25 -2.46 -16.27
C GLU D 184 3.77 -1.31 -17.12
N THR D 185 4.53 -1.02 -18.17
CA THR D 185 4.17 -0.05 -19.19
C THR D 185 3.07 -0.64 -20.08
N SER D 186 2.11 0.19 -20.47
CA SER D 186 1.08 -0.23 -21.42
C SER D 186 0.52 1.03 -22.05
N ALA D 187 0.81 1.22 -23.33
CA ALA D 187 0.27 2.35 -24.09
C ALA D 187 -1.25 2.19 -24.26
N ALA D 188 -1.71 0.96 -24.42
CA ALA D 188 -3.14 0.73 -24.61
C ALA D 188 -3.94 1.16 -23.35
N ALA D 189 -3.40 0.82 -22.17
CA ALA D 189 -4.02 1.13 -20.91
C ALA D 189 -3.99 2.64 -20.65
N PHE D 190 -2.87 3.28 -20.96
CA PHE D 190 -2.83 4.73 -20.85
C PHE D 190 -3.85 5.42 -21.76
N ALA D 191 -3.93 5.00 -23.01
CA ALA D 191 -4.88 5.61 -23.95
C ALA D 191 -6.33 5.39 -23.46
N ALA D 192 -6.65 4.22 -22.90
CA ALA D 192 -8.01 3.94 -22.44
C ALA D 192 -8.36 4.81 -21.24
N GLY D 193 -7.44 4.94 -20.31
CA GLY D 193 -7.66 5.80 -19.18
C GLY D 193 -7.81 7.25 -19.60
N LEU D 194 -7.02 7.65 -20.58
CA LEU D 194 -7.07 9.03 -21.08
C LEU D 194 -8.47 9.34 -21.64
N GLN D 195 -9.01 8.46 -22.47
N GLN D 195 -9.02 8.48 -22.49
CA GLN D 195 -10.35 8.64 -23.04
CA GLN D 195 -10.36 8.76 -23.05
C GLN D 195 -11.34 8.87 -21.90
C GLN D 195 -11.41 8.84 -21.93
N ARG D 196 -11.29 7.99 -20.91
CA ARG D 196 -12.21 8.04 -19.79
C ARG D 196 -12.12 9.34 -18.98
N GLY D 197 -10.92 9.82 -18.76
CA GLY D 197 -10.71 11.06 -18.06
C GLY D 197 -11.12 12.30 -18.83
N ILE D 198 -10.76 12.34 -20.11
CA ILE D 198 -11.16 13.45 -20.96
C ILE D 198 -12.69 13.59 -20.95
N ASN D 199 -13.38 12.46 -20.88
CA ASN D 199 -14.81 12.43 -20.92
C ASN D 199 -15.45 12.64 -19.56
N ASN D 200 -14.64 12.59 -18.48
CA ASN D 200 -15.15 12.71 -17.11
C ASN D 200 -14.32 13.62 -16.23
N PRO D 201 -14.28 14.91 -16.57
CA PRO D 201 -13.60 15.87 -15.70
C PRO D 201 -14.17 15.81 -14.26
N ALA D 202 -15.48 15.60 -14.09
CA ALA D 202 -16.04 15.36 -12.78
C ALA D 202 -15.68 13.90 -12.50
N VAL D 203 -14.41 13.67 -12.14
CA VAL D 203 -13.78 12.37 -12.18
C VAL D 203 -14.01 11.48 -10.92
N LEU D 204 -14.58 12.04 -9.86
CA LEU D 204 -14.63 11.34 -8.56
C LEU D 204 -15.18 9.89 -8.65
N PRO D 205 -16.34 9.68 -9.31
CA PRO D 205 -16.83 8.28 -9.41
C PRO D 205 -15.91 7.30 -10.13
N GLN D 206 -15.08 7.83 -11.02
CA GLN D 206 -14.20 7.00 -11.87
C GLN D 206 -13.03 6.38 -11.12
N LEU D 207 -12.66 6.99 -10.01
CA LEU D 207 -11.46 6.56 -9.30
C LEU D 207 -11.57 5.11 -8.77
N PHE D 208 -12.67 4.79 -8.10
CA PHE D 208 -12.89 3.44 -7.59
C PHE D 208 -13.00 2.45 -8.73
N GLU D 209 -13.53 2.87 -9.87
CA GLU D 209 -13.80 1.92 -10.95
C GLU D 209 -12.50 1.36 -11.55
N VAL D 210 -11.42 2.10 -11.37
CA VAL D 210 -10.09 1.56 -11.72
C VAL D 210 -9.86 0.25 -10.94
N ARG D 211 -10.23 0.24 -9.67
N ARG D 211 -10.23 0.24 -9.67
CA ARG D 211 -10.06 -0.94 -8.86
CA ARG D 211 -10.06 -0.95 -8.85
C ARG D 211 -11.04 -2.04 -9.30
C ARG D 211 -11.04 -2.05 -9.30
N ALA D 212 -12.33 -1.71 -9.39
CA ALA D 212 -13.35 -2.64 -9.86
C ALA D 212 -13.00 -3.27 -11.20
N SER D 213 -12.39 -2.46 -12.08
CA SER D 213 -12.03 -2.92 -13.41
C SER D 213 -11.00 -4.06 -13.35
N HIS D 214 -10.00 -3.94 -12.48
CA HIS D 214 -9.04 -5.03 -12.34
C HIS D 214 -9.59 -6.20 -11.54
N VAL D 215 -10.46 -5.94 -10.57
CA VAL D 215 -11.11 -7.06 -9.84
C VAL D 215 -11.98 -7.92 -10.76
N LEU D 216 -12.62 -7.31 -11.76
CA LEU D 216 -13.55 -8.01 -12.65
C LEU D 216 -12.95 -8.47 -13.99
N GLY D 217 -11.66 -8.26 -14.19
CA GLY D 217 -10.93 -8.79 -15.35
C GLY D 217 -10.94 -7.92 -16.59
N ALA D 218 -11.45 -6.70 -16.51
CA ALA D 218 -11.48 -5.79 -17.65
C ALA D 218 -10.16 -4.99 -17.80
N LEU D 219 -9.40 -4.82 -16.73
CA LEU D 219 -8.11 -4.10 -16.74
C LEU D 219 -7.06 -5.04 -16.10
N PRO D 220 -6.07 -5.51 -16.87
CA PRO D 220 -5.02 -6.36 -16.29
C PRO D 220 -4.37 -5.72 -15.04
N ARG D 221 -4.17 -6.52 -14.00
CA ARG D 221 -3.64 -6.07 -12.71
C ARG D 221 -2.31 -5.29 -12.80
N GLU D 222 -1.49 -5.58 -13.81
CA GLU D 222 -0.22 -4.89 -13.99
C GLU D 222 -0.29 -3.57 -14.78
N GLN D 223 -1.46 -3.21 -15.29
CA GLN D 223 -1.62 -2.02 -16.11
C GLN D 223 -2.48 -0.96 -15.39
N VAL D 224 -2.69 -1.11 -14.09
CA VAL D 224 -3.45 -0.15 -13.29
C VAL D 224 -2.75 1.22 -13.21
N SER D 225 -1.44 1.27 -13.00
CA SER D 225 -0.77 2.54 -12.95
C SER D 225 -0.97 3.34 -14.28
N GLU D 226 -0.78 2.70 -15.42
CA GLU D 226 -0.98 3.37 -16.71
C GLU D 226 -2.42 3.88 -16.97
N PHE D 227 -3.45 3.05 -16.71
CA PHE D 227 -4.82 3.48 -16.84
C PHE D 227 -5.06 4.69 -15.93
N LEU D 228 -4.60 4.61 -14.69
CA LEU D 228 -4.87 5.66 -13.70
C LEU D 228 -4.20 7.01 -14.08
N SER D 229 -2.99 6.93 -14.62
CA SER D 229 -2.26 8.09 -15.13
C SER D 229 -3.07 8.76 -16.25
N GLY D 230 -3.57 7.98 -17.19
CA GLY D 230 -4.43 8.48 -18.26
C GLY D 230 -5.70 9.13 -17.72
N LEU D 231 -6.34 8.46 -16.77
CA LEU D 231 -7.56 8.96 -16.19
C LEU D 231 -7.33 10.36 -15.59
N LEU D 232 -6.27 10.50 -14.79
CA LEU D 232 -6.05 11.73 -14.03
C LEU D 232 -5.59 12.90 -14.93
N ILE D 233 -4.72 12.60 -15.88
CA ILE D 233 -4.23 13.58 -16.83
C ILE D 233 -5.39 14.02 -17.75
N GLY D 234 -6.17 13.06 -18.23
CA GLY D 234 -7.35 13.35 -19.07
C GLY D 234 -8.35 14.23 -18.34
N ALA D 235 -8.69 13.85 -17.12
CA ALA D 235 -9.61 14.63 -16.30
C ALA D 235 -9.03 16.05 -16.02
N GLU D 236 -7.74 16.16 -15.71
CA GLU D 236 -7.12 17.48 -15.49
C GLU D 236 -7.28 18.39 -16.74
N VAL D 237 -6.86 17.87 -17.87
CA VAL D 237 -6.86 18.60 -19.13
C VAL D 237 -8.28 18.99 -19.54
N ALA D 238 -9.24 18.07 -19.40
CA ALA D 238 -10.63 18.39 -19.72
C ALA D 238 -11.18 19.42 -18.74
N THR D 239 -10.70 19.44 -17.50
CA THR D 239 -11.21 20.41 -16.53
C THR D 239 -10.74 21.83 -16.86
N LEU D 240 -9.44 21.99 -17.14
CA LEU D 240 -8.84 23.33 -17.22
C LEU D 240 -8.71 23.93 -18.63
N SER D 241 -8.78 23.10 -19.66
CA SER D 241 -8.40 23.55 -20.98
C SER D 241 -9.26 24.68 -21.55
N ASP D 242 -10.56 24.65 -21.30
CA ASP D 242 -11.44 25.70 -21.82
C ASP D 242 -11.34 26.97 -20.95
N THR D 243 -11.14 26.80 -19.65
CA THR D 243 -10.81 27.93 -18.74
C THR D 243 -9.43 28.57 -19.01
N PHE D 244 -8.49 27.86 -19.60
CA PHE D 244 -7.21 28.46 -20.02
C PHE D 244 -7.12 28.51 -21.56
N ALA D 245 -8.13 29.08 -22.21
CA ALA D 245 -8.17 29.14 -23.67
C ALA D 245 -7.18 30.21 -24.18
N GLY D 246 -6.51 29.86 -25.27
CA GLY D 246 -5.56 30.74 -25.94
C GLY D 246 -5.65 30.39 -27.41
N GLN D 247 -5.35 31.37 -28.24
CA GLN D 247 -5.14 31.14 -29.69
C GLN D 247 -3.80 30.42 -29.85
N GLN D 248 -2.75 31.07 -29.34
CA GLN D 248 -1.40 30.52 -29.20
C GLN D 248 -1.42 29.15 -28.54
N ALA D 249 -0.63 28.25 -29.10
CA ALA D 249 -0.43 26.90 -28.59
C ALA D 249 0.16 27.00 -27.18
N ILE D 250 -0.55 26.42 -26.22
CA ILE D 250 0.00 26.15 -24.90
C ILE D 250 1.49 25.81 -24.96
N SER D 251 2.29 26.33 -24.03
CA SER D 251 3.67 25.88 -23.92
C SER D 251 3.69 24.86 -22.80
N LEU D 252 4.08 23.64 -23.15
CA LEU D 252 4.09 22.53 -22.22
C LEU D 252 5.53 22.32 -21.75
N VAL D 253 5.76 22.48 -20.45
CA VAL D 253 7.13 22.49 -19.85
C VAL D 253 7.34 21.31 -18.92
N ALA D 254 8.18 20.36 -19.32
CA ALA D 254 8.25 19.09 -18.62
C ALA D 254 9.38 18.20 -19.16
N GLY D 255 9.65 17.09 -18.47
CA GLY D 255 10.57 16.07 -18.94
C GLY D 255 9.91 15.27 -20.04
N SER D 256 10.67 14.36 -20.66
CA SER D 256 10.23 13.73 -21.93
C SER D 256 9.02 12.80 -21.76
N SER D 257 8.95 12.11 -20.61
CA SER D 257 7.85 11.23 -20.34
C SER D 257 6.50 11.94 -20.16
N LEU D 258 6.43 12.91 -19.23
CA LEU D 258 5.18 13.68 -19.07
C LEU D 258 4.83 14.53 -20.30
N THR D 259 5.83 15.01 -21.04
CA THR D 259 5.57 15.80 -22.26
C THR D 259 4.73 14.98 -23.22
N SER D 260 5.12 13.72 -23.41
CA SER D 260 4.42 12.79 -24.28
C SER D 260 2.98 12.47 -23.83
N ARG D 261 2.80 12.22 -22.53
CA ARG D 261 1.47 11.99 -21.98
C ARG D 261 0.54 13.21 -22.14
N TYR D 262 1.03 14.41 -21.82
CA TYR D 262 0.24 15.60 -21.96
C TYR D 262 0.01 15.99 -23.44
N GLN D 263 0.99 15.78 -24.31
CA GLN D 263 0.75 15.94 -25.74
C GLN D 263 -0.42 15.06 -26.26
N GLN D 264 -0.53 13.83 -25.75
CA GLN D 264 -1.64 12.95 -26.12
C GLN D 264 -2.95 13.51 -25.57
N ALA D 265 -2.94 14.00 -24.32
CA ALA D 265 -4.15 14.58 -23.71
C ALA D 265 -4.65 15.77 -24.51
N PHE D 266 -3.75 16.70 -24.81
CA PHE D 266 -4.16 17.88 -25.59
C PHE D 266 -4.60 17.52 -27.04
N ALA D 267 -3.90 16.58 -27.69
CA ALA D 267 -4.33 16.12 -29.02
C ALA D 267 -5.74 15.55 -28.99
N ALA D 268 -6.11 14.89 -27.89
CA ALA D 268 -7.44 14.26 -27.76
C ALA D 268 -8.60 15.29 -27.74
N ILE D 269 -8.33 16.51 -27.30
CA ILE D 269 -9.33 17.59 -27.41
C ILE D 269 -9.01 18.62 -28.52
N GLY D 270 -8.16 18.22 -29.49
CA GLY D 270 -7.86 19.04 -30.67
C GLY D 270 -7.08 20.33 -30.41
N ARG D 271 -6.24 20.27 -29.38
CA ARG D 271 -5.45 21.41 -28.94
C ARG D 271 -3.96 21.10 -29.16
N GLU D 272 -3.24 22.04 -29.77
CA GLU D 272 -1.80 21.86 -29.98
C GLU D 272 -0.95 22.56 -28.94
N VAL D 273 0.26 22.05 -28.75
CA VAL D 273 1.18 22.54 -27.75
C VAL D 273 2.60 22.65 -28.30
N SER D 274 3.34 23.68 -27.88
CA SER D 274 4.79 23.72 -28.07
C SER D 274 5.45 23.05 -26.88
N ALA D 275 6.26 22.02 -27.11
CA ALA D 275 7.02 21.34 -26.07
C ALA D 275 8.31 22.11 -25.72
N VAL D 276 8.53 22.35 -24.44
CA VAL D 276 9.75 22.97 -23.92
C VAL D 276 10.32 22.04 -22.85
N ALA D 277 11.59 21.64 -22.98
CA ALA D 277 12.23 20.76 -21.99
C ALA D 277 12.28 21.46 -20.62
N GLY D 278 11.86 20.75 -19.58
CA GLY D 278 11.92 21.31 -18.22
C GLY D 278 13.30 21.73 -17.73
N ASP D 279 14.33 20.97 -18.07
CA ASP D 279 15.70 21.28 -17.61
C ASP D 279 16.26 22.50 -18.31
N THR D 280 15.96 22.62 -19.60
CA THR D 280 16.32 23.80 -20.39
C THR D 280 15.58 25.04 -19.88
N ALA D 281 14.27 24.94 -19.73
CA ALA D 281 13.46 26.00 -19.12
C ALA D 281 14.06 26.47 -17.78
N PHE D 282 14.40 25.54 -16.89
CA PHE D 282 15.00 25.91 -15.61
C PHE D 282 16.30 26.74 -15.80
N GLN D 283 17.22 26.26 -16.65
CA GLN D 283 18.55 26.88 -16.75
C GLN D 283 18.42 28.22 -17.45
N THR D 284 17.51 28.32 -18.41
CA THR D 284 17.25 29.59 -19.07
C THR D 284 16.68 30.61 -18.08
N GLY D 285 15.81 30.16 -17.17
CA GLY D 285 15.24 31.06 -16.16
C GLY D 285 16.27 31.57 -15.12
N ILE D 286 17.07 30.66 -14.61
CA ILE D 286 18.11 31.02 -13.65
C ILE D 286 19.07 32.00 -14.29
N ARG D 287 19.51 31.67 -15.50
CA ARG D 287 20.40 32.53 -16.28
C ARG D 287 19.88 33.97 -16.44
N SER D 288 18.58 34.13 -16.68
CA SER D 288 18.03 35.50 -16.81
C SER D 288 18.04 36.26 -15.47
N ILE D 289 17.88 35.54 -14.37
CA ILE D 289 17.99 36.15 -13.05
C ILE D 289 19.45 36.57 -12.75
N ALA D 290 20.42 35.70 -13.12
CA ALA D 290 21.84 36.01 -12.98
C ALA D 290 22.19 37.28 -13.74
N TYR D 291 21.77 37.36 -15.01
CA TYR D 291 21.99 38.55 -15.84
C TYR D 291 21.47 39.78 -15.11
N ALA D 292 20.29 39.68 -14.53
CA ALA D 292 19.66 40.82 -13.84
C ALA D 292 20.46 41.26 -12.62
N VAL D 293 20.92 40.28 -11.85
CA VAL D 293 21.80 40.51 -10.69
C VAL D 293 23.10 41.25 -11.01
N ALA D 294 23.81 40.82 -12.06
CA ALA D 294 25.12 41.39 -12.44
C ALA D 294 25.01 42.73 -13.18
N ASN D 295 23.82 43.06 -13.69
CA ASN D 295 23.61 44.29 -14.46
C ASN D 295 22.83 45.34 -13.67
#